data_4XOX
#
_entry.id   4XOX
#
_cell.length_a   54.756
_cell.length_b   88.654
_cell.length_c   167.258
_cell.angle_alpha   90.000
_cell.angle_beta   90.000
_cell.angle_gamma   90.000
#
_symmetry.space_group_name_H-M   'P 21 21 21'
#
loop_
_entity.id
_entity.type
_entity.pdbx_description
1 polymer '3-oxoacyl-ACP synthase'
2 water water
#
_entity_poly.entity_id   1
_entity_poly.type   'polypeptide(L)'
_entity_poly.pdbx_seq_one_letter_code
;MKRVVITGMGIISSIGNNVEEVLASLKAGKSGITASEQFKEHGLRSQVWGDLKINPEEHIDRKQMRFMGDAAAYAYLSLE
QAIADAGLTPEQVSNDRTGIVAGSGGASSENQVIAVDTQREKGVKRVGPYMVPRTMSSTVSACLATPFKIRGVNYSISSA
CATSAHCIGNAVELIQLGKQDIVFAGGGEELYWSQTMMFDAMGALSTKYNETPEKASRTYDADRDGFVISGGGGMVVVEE
LEHALARGAKIYGEIVGYGATSDGYDMVAPSGEGAIRCMKMAMQGVDKIDYINTHGTSTPVGDVKELGAIQEVFGGNSPA
ISATKAMTGHALGAAGVHEAIYSTLMLHHGFIAPSINIDTLDEAAQGLDIVTELREQELTTVMSNSFGFGGTNATLVIKK
YQGL
;
_entity_poly.pdbx_strand_id   A,B
#
# COMPACT_ATOMS: atom_id res chain seq x y z
N MET A 1 -6.60 -17.20 -20.73
CA MET A 1 -5.98 -16.50 -19.54
C MET A 1 -5.63 -17.51 -18.43
N LYS A 2 -4.52 -17.29 -17.75
CA LYS A 2 -4.08 -18.22 -16.72
C LYS A 2 -5.09 -18.30 -15.57
N ARG A 3 -5.26 -19.51 -15.06
CA ARG A 3 -6.11 -19.75 -13.89
C ARG A 3 -5.24 -19.72 -12.61
N VAL A 4 -5.88 -19.36 -11.50
CA VAL A 4 -5.17 -19.06 -10.26
C VAL A 4 -5.83 -19.79 -9.10
N VAL A 5 -5.00 -20.42 -8.28
CA VAL A 5 -5.48 -21.22 -7.15
C VAL A 5 -4.81 -20.86 -5.84
N ILE A 6 -5.47 -21.21 -4.75
CA ILE A 6 -4.96 -21.13 -3.38
C ILE A 6 -4.43 -22.50 -2.94
N THR A 7 -3.15 -22.53 -2.58
CA THR A 7 -2.45 -23.77 -2.32
C THR A 7 -1.87 -23.87 -0.93
N GLY A 8 -2.06 -22.87 -0.10
CA GLY A 8 -1.51 -22.88 1.26
C GLY A 8 -2.12 -21.73 2.01
N MET A 9 -2.30 -21.90 3.30
CA MET A 9 -2.90 -20.87 4.17
C MET A 9 -2.26 -20.86 5.56
N GLY A 10 -2.16 -19.68 6.12
CA GLY A 10 -1.66 -19.48 7.47
C GLY A 10 -2.39 -18.31 8.12
N ILE A 11 -2.55 -18.36 9.42
CA ILE A 11 -3.37 -17.37 10.11
C ILE A 11 -3.06 -17.23 11.57
N ILE A 12 -3.13 -16.01 12.06
CA ILE A 12 -3.23 -15.70 13.49
C ILE A 12 -4.43 -14.78 13.62
N SER A 13 -5.47 -15.24 14.29
CA SER A 13 -6.65 -14.43 14.51
C SER A 13 -7.18 -14.55 15.94
N SER A 14 -8.16 -13.72 16.28
CA SER A 14 -8.76 -13.80 17.60
C SER A 14 -9.36 -15.19 17.88
N ILE A 15 -9.62 -15.97 16.84
CA ILE A 15 -10.24 -17.29 17.04
C ILE A 15 -9.31 -18.48 16.83
N GLY A 16 -8.01 -18.19 16.69
CA GLY A 16 -7.04 -19.25 16.58
C GLY A 16 -5.68 -18.82 16.08
N ASN A 17 -4.65 -19.53 16.56
CA ASN A 17 -3.28 -19.26 16.18
C ASN A 17 -2.79 -20.04 14.95
N ASN A 18 -3.67 -20.81 14.36
CA ASN A 18 -3.34 -21.63 13.19
C ASN A 18 -4.66 -22.12 12.62
N VAL A 19 -4.63 -22.77 11.47
CA VAL A 19 -5.85 -23.16 10.75
C VAL A 19 -6.70 -24.12 11.57
N GLU A 20 -6.05 -25.05 12.27
CA GLU A 20 -6.74 -26.09 13.00
C GLU A 20 -7.56 -25.47 14.14
N GLU A 21 -6.99 -24.52 14.86
CA GLU A 21 -7.76 -23.80 15.93
C GLU A 21 -8.87 -22.94 15.36
N VAL A 22 -8.58 -22.22 14.27
CA VAL A 22 -9.57 -21.38 13.63
C VAL A 22 -10.77 -22.20 13.19
N LEU A 23 -10.49 -23.33 12.53
CA LEU A 23 -11.51 -24.23 12.02
C LEU A 23 -12.41 -24.69 13.15
N ALA A 24 -11.83 -25.10 14.26
CA ALA A 24 -12.64 -25.49 15.44
C ALA A 24 -13.52 -24.35 15.96
N SER A 25 -12.99 -23.14 16.02
CA SER A 25 -13.77 -22.01 16.46
C SER A 25 -14.95 -21.71 15.51
N LEU A 26 -14.70 -21.75 14.20
CA LEU A 26 -15.73 -21.45 13.19
C LEU A 26 -16.89 -22.42 13.31
N LYS A 27 -16.57 -23.69 13.44
CA LYS A 27 -17.60 -24.70 13.55
C LYS A 27 -18.42 -24.53 14.82
N ALA A 28 -17.76 -24.16 15.93
CA ALA A 28 -18.45 -23.97 17.23
C ALA A 28 -19.14 -22.63 17.38
N GLY A 29 -18.92 -21.67 16.48
CA GLY A 29 -19.40 -20.32 16.69
C GLY A 29 -18.84 -19.67 17.94
N LYS A 30 -17.56 -19.92 18.19
CA LYS A 30 -16.90 -19.46 19.39
C LYS A 30 -16.37 -18.01 19.22
N SER A 31 -16.74 -17.13 20.15
CA SER A 31 -16.29 -15.73 20.13
C SER A 31 -14.81 -15.65 20.46
N GLY A 32 -14.09 -14.82 19.73
CA GLY A 32 -12.73 -14.48 20.13
C GLY A 32 -12.61 -13.18 20.92
N ILE A 33 -13.71 -12.63 21.41
CA ILE A 33 -13.73 -11.29 21.98
C ILE A 33 -13.64 -11.37 23.50
N THR A 34 -12.80 -10.52 24.08
CA THR A 34 -12.59 -10.43 25.51
C THR A 34 -12.54 -8.98 25.95
N ALA A 35 -12.60 -8.76 27.26
CA ALA A 35 -12.42 -7.42 27.86
C ALA A 35 -10.95 -7.00 27.66
N SER A 36 -10.71 -5.71 27.43
CA SER A 36 -9.35 -5.18 27.26
C SER A 36 -9.02 -4.30 28.46
N GLU A 37 -8.17 -4.79 29.35
CA GLU A 37 -7.65 -3.95 30.44
C GLU A 37 -6.85 -2.74 29.97
N GLN A 38 -6.06 -2.97 28.94
CA GLN A 38 -5.31 -1.90 28.30
C GLN A 38 -6.22 -0.74 27.89
N PHE A 39 -7.32 -1.04 27.21
CA PHE A 39 -8.22 0.02 26.72
C PHE A 39 -8.83 0.75 27.91
N LYS A 40 -9.22 0.00 28.94
CA LYS A 40 -9.79 0.61 30.14
C LYS A 40 -8.76 1.53 30.84
N GLU A 41 -7.51 1.07 30.97
CA GLU A 41 -6.45 1.89 31.58
C GLU A 41 -6.19 3.20 30.85
N HIS A 42 -6.36 3.21 29.54
CA HIS A 42 -6.19 4.43 28.75
C HIS A 42 -7.45 5.29 28.62
N GLY A 43 -8.56 4.93 29.28
CA GLY A 43 -9.74 5.77 29.29
C GLY A 43 -10.54 5.75 27.98
N LEU A 44 -10.41 4.68 27.18
CA LEU A 44 -11.24 4.49 26.00
C LEU A 44 -12.66 4.07 26.36
N ARG A 45 -13.63 4.44 25.54
CA ARG A 45 -15.04 4.04 25.81
C ARG A 45 -15.32 2.61 25.38
N SER A 46 -14.68 2.14 24.32
CA SER A 46 -14.76 0.75 23.92
C SER A 46 -13.68 -0.01 24.72
N GLN A 47 -14.08 -1.04 25.43
CA GLN A 47 -13.16 -1.78 26.31
C GLN A 47 -13.19 -3.29 26.02
N VAL A 48 -13.37 -3.63 24.75
CA VAL A 48 -13.44 -5.00 24.27
C VAL A 48 -12.56 -5.09 23.05
N TRP A 49 -12.00 -6.26 22.82
CA TRP A 49 -11.16 -6.51 21.65
C TRP A 49 -11.14 -8.00 21.28
N GLY A 50 -10.82 -8.25 20.02
CA GLY A 50 -10.54 -9.60 19.50
C GLY A 50 -9.04 -9.76 19.58
N ASP A 51 -8.55 -10.09 20.78
CA ASP A 51 -7.13 -10.19 21.01
C ASP A 51 -6.47 -11.44 20.45
N LEU A 52 -5.17 -11.36 20.21
CA LEU A 52 -4.43 -12.48 19.63
C LEU A 52 -3.76 -13.19 20.78
N LYS A 53 -4.06 -14.47 20.96
CA LYS A 53 -3.61 -15.25 22.13
C LYS A 53 -2.27 -15.90 21.83
N ILE A 54 -1.29 -15.06 21.51
CA ILE A 54 0.03 -15.47 21.15
C ILE A 54 0.99 -14.28 21.44
N ASN A 55 2.21 -14.61 21.79
CA ASN A 55 3.28 -13.62 21.94
C ASN A 55 4.28 -13.87 20.84
N PRO A 56 4.19 -13.11 19.75
CA PRO A 56 5.08 -13.36 18.59
C PRO A 56 6.59 -13.37 18.86
N GLU A 57 7.03 -12.53 19.79
CA GLU A 57 8.45 -12.47 20.12
C GLU A 57 8.97 -13.81 20.68
N GLU A 58 8.08 -14.67 21.15
CA GLU A 58 8.46 -16.03 21.55
C GLU A 58 8.76 -16.97 20.37
N HIS A 59 8.36 -16.61 19.16
CA HIS A 59 8.41 -17.52 18.00
C HIS A 59 9.27 -17.02 16.87
N ILE A 60 9.93 -15.89 17.03
CA ILE A 60 10.68 -15.25 15.99
C ILE A 60 12.03 -14.82 16.56
N ASP A 61 13.10 -15.00 15.78
CA ASP A 61 14.46 -14.67 16.19
C ASP A 61 14.62 -13.16 16.24
N ARG A 62 15.40 -12.69 17.20
CA ARG A 62 15.71 -11.26 17.33
C ARG A 62 16.13 -10.61 16.01
N LYS A 63 16.91 -11.33 15.21
CA LYS A 63 17.40 -10.76 13.98
C LYS A 63 16.25 -10.31 13.05
N GLN A 64 15.14 -11.04 13.05
CA GLN A 64 13.95 -10.64 12.31
C GLN A 64 13.09 -9.70 13.11
N MET A 65 12.89 -10.04 14.38
CA MET A 65 11.97 -9.34 15.23
C MET A 65 12.36 -7.86 15.47
N ARG A 66 13.67 -7.56 15.46
CA ARG A 66 14.11 -6.18 15.66
C ARG A 66 13.48 -5.14 14.67
N PHE A 67 13.14 -5.59 13.47
CA PHE A 67 12.54 -4.73 12.44
C PHE A 67 11.00 -4.67 12.43
N MET A 68 10.34 -5.43 13.31
CA MET A 68 8.91 -5.69 13.20
C MET A 68 8.11 -5.03 14.31
N GLY A 69 6.98 -4.45 13.95
CA GLY A 69 5.87 -4.29 14.87
C GLY A 69 5.02 -5.54 14.75
N ASP A 70 3.94 -5.56 15.53
CA ASP A 70 3.13 -6.78 15.60
C ASP A 70 2.43 -7.13 14.29
N ALA A 71 2.08 -6.15 13.47
CA ALA A 71 1.52 -6.43 12.18
C ALA A 71 2.43 -7.31 11.34
N ALA A 72 3.70 -6.91 11.24
CA ALA A 72 4.68 -7.73 10.48
C ALA A 72 4.90 -9.06 11.17
N ALA A 73 4.93 -9.07 12.51
CA ALA A 73 5.17 -10.32 13.24
C ALA A 73 4.05 -11.33 13.04
N TYR A 74 2.80 -10.90 13.16
CA TYR A 74 1.72 -11.82 12.91
C TYR A 74 1.74 -12.33 11.47
N ALA A 75 2.02 -11.46 10.51
CA ALA A 75 2.04 -11.88 9.12
C ALA A 75 3.19 -12.84 8.86
N TYR A 76 4.32 -12.65 9.52
CA TYR A 76 5.48 -13.53 9.37
C TYR A 76 5.18 -14.95 9.81
N LEU A 77 4.56 -15.07 10.98
CA LEU A 77 4.12 -16.38 11.46
C LEU A 77 3.09 -17.03 10.53
N SER A 78 2.21 -16.23 9.98
CA SER A 78 1.23 -16.71 9.04
C SER A 78 1.90 -17.22 7.76
N LEU A 79 2.95 -16.54 7.32
CA LEU A 79 3.61 -16.95 6.11
C LEU A 79 4.34 -18.24 6.34
N GLU A 80 4.97 -18.40 7.50
CA GLU A 80 5.63 -19.66 7.85
C GLU A 80 4.66 -20.84 7.80
N GLN A 81 3.47 -20.64 8.38
CA GLN A 81 2.41 -21.64 8.32
C GLN A 81 2.03 -21.95 6.87
N ALA A 82 1.82 -20.91 6.06
CA ALA A 82 1.30 -21.13 4.69
C ALA A 82 2.29 -21.88 3.80
N ILE A 83 3.59 -21.55 3.93
CA ILE A 83 4.66 -22.20 3.18
C ILE A 83 4.74 -23.70 3.53
N ALA A 84 4.62 -24.02 4.83
CA ALA A 84 4.58 -25.41 5.28
C ALA A 84 3.34 -26.12 4.80
N ASP A 85 2.19 -25.46 4.90
CA ASP A 85 0.92 -26.01 4.42
C ASP A 85 0.98 -26.33 2.90
N ALA A 86 1.59 -25.45 2.12
CA ALA A 86 1.73 -25.59 0.65
C ALA A 86 2.69 -26.65 0.21
N GLY A 87 3.61 -27.04 1.08
CA GLY A 87 4.64 -27.96 0.74
C GLY A 87 5.64 -27.39 -0.27
N LEU A 88 5.90 -26.08 -0.20
CA LEU A 88 6.86 -25.43 -1.08
C LEU A 88 8.29 -25.77 -0.71
N THR A 89 9.12 -26.03 -1.73
CA THR A 89 10.54 -26.21 -1.52
C THR A 89 11.21 -24.84 -1.27
N PRO A 90 12.41 -24.82 -0.66
CA PRO A 90 13.14 -23.51 -0.56
C PRO A 90 13.35 -22.78 -1.89
N GLU A 91 13.53 -23.55 -2.99
CA GLU A 91 13.82 -22.99 -4.34
C GLU A 91 12.58 -22.38 -4.95
N GLN A 92 11.42 -22.82 -4.50
CA GLN A 92 10.19 -22.15 -4.85
C GLN A 92 9.88 -20.87 -4.02
N VAL A 93 10.28 -20.82 -2.76
CA VAL A 93 9.99 -19.66 -1.89
C VAL A 93 10.89 -18.50 -2.30
N SER A 94 12.17 -18.80 -2.63
CA SER A 94 13.14 -17.84 -3.03
C SER A 94 13.45 -18.06 -4.51
N ASN A 95 12.75 -17.32 -5.35
CA ASN A 95 12.68 -17.60 -6.78
C ASN A 95 12.29 -16.28 -7.49
N ASP A 96 12.85 -16.03 -8.66
CA ASP A 96 12.49 -14.82 -9.41
C ASP A 96 10.98 -14.73 -9.72
N ARG A 97 10.33 -15.87 -9.84
CA ARG A 97 8.92 -15.93 -10.18
C ARG A 97 7.96 -15.99 -8.96
N THR A 98 8.51 -15.80 -7.75
CA THR A 98 7.74 -15.87 -6.49
C THR A 98 7.83 -14.56 -5.76
N GLY A 99 6.66 -13.98 -5.46
CA GLY A 99 6.63 -12.63 -4.89
C GLY A 99 5.76 -12.55 -3.66
N ILE A 100 5.68 -11.34 -3.13
CA ILE A 100 4.83 -11.04 -1.95
C ILE A 100 4.10 -9.71 -2.13
N VAL A 101 2.77 -9.75 -1.89
CA VAL A 101 1.94 -8.60 -1.83
C VAL A 101 1.16 -8.70 -0.50
N ALA A 102 1.49 -7.84 0.45
CA ALA A 102 0.94 -7.95 1.79
C ALA A 102 1.07 -6.65 2.51
N GLY A 103 -0.02 -6.22 3.14
CA GLY A 103 -0.06 -4.90 3.73
C GLY A 103 -0.80 -4.81 5.06
N SER A 104 -0.98 -3.59 5.54
CA SER A 104 -1.65 -3.30 6.80
C SER A 104 -2.48 -2.01 6.60
N GLY A 105 -3.56 -1.91 7.35
CA GLY A 105 -4.43 -0.72 7.29
C GLY A 105 -3.73 0.44 7.94
N GLY A 106 -3.07 0.16 9.08
CA GLY A 106 -2.22 1.09 9.78
C GLY A 106 -0.85 0.58 9.46
N ALA A 107 0.06 0.69 10.41
CA ALA A 107 1.42 0.14 10.25
C ALA A 107 1.87 -0.20 11.68
N SER A 108 2.47 0.74 12.42
CA SER A 108 2.77 0.51 13.85
C SER A 108 2.65 1.82 14.64
N SER A 109 1.39 2.12 14.92
CA SER A 109 1.04 3.19 15.85
C SER A 109 1.80 3.06 17.21
N GLU A 110 1.95 1.82 17.68
CA GLU A 110 2.64 1.53 18.95
C GLU A 110 4.09 1.97 18.90
N ASN A 111 4.81 1.61 17.84
CA ASN A 111 6.21 2.02 17.73
C ASN A 111 6.37 3.50 17.48
N GLN A 112 5.38 4.14 16.84
CA GLN A 112 5.42 5.60 16.74
C GLN A 112 5.35 6.28 18.08
N VAL A 113 4.44 5.82 18.91
CA VAL A 113 4.31 6.31 20.26
C VAL A 113 5.62 6.12 21.04
N ILE A 114 6.16 4.90 21.01
CA ILE A 114 7.40 4.57 21.72
C ILE A 114 8.55 5.44 21.24
N ALA A 115 8.70 5.58 19.92
CA ALA A 115 9.83 6.34 19.38
C ALA A 115 9.71 7.78 19.79
N VAL A 116 8.51 8.35 19.66
CA VAL A 116 8.35 9.75 20.05
C VAL A 116 8.56 10.00 21.55
N ASP A 117 7.96 9.16 22.37
CA ASP A 117 8.18 9.25 23.84
C ASP A 117 9.66 9.14 24.17
N THR A 118 10.32 8.16 23.57
CA THR A 118 11.74 7.94 23.79
C THR A 118 12.58 9.16 23.36
N GLN A 119 12.33 9.66 22.16
CA GLN A 119 13.06 10.83 21.70
C GLN A 119 12.87 12.05 22.58
N ARG A 120 11.66 12.31 23.05
CA ARG A 120 11.38 13.48 23.87
C ARG A 120 12.06 13.42 25.22
N GLU A 121 12.10 12.23 25.79
CA GLU A 121 12.62 11.99 27.15
C GLU A 121 14.14 11.73 27.12
N LYS A 122 14.61 10.94 26.16
CA LYS A 122 15.97 10.42 26.16
C LYS A 122 16.86 10.81 24.97
N GLY A 123 16.30 11.45 23.95
CA GLY A 123 17.11 11.93 22.83
C GLY A 123 17.11 11.00 21.65
N VAL A 124 17.41 11.56 20.49
CA VAL A 124 17.34 10.82 19.24
C VAL A 124 18.27 9.61 19.24
N LYS A 125 19.44 9.75 19.84
CA LYS A 125 20.43 8.63 19.85
C LYS A 125 20.00 7.41 20.63
N ARG A 126 19.01 7.55 21.50
CA ARG A 126 18.50 6.42 22.25
C ARG A 126 17.26 5.82 21.64
N VAL A 127 16.78 6.40 20.54
CA VAL A 127 15.67 5.78 19.82
C VAL A 127 16.09 4.45 19.16
N GLY A 128 17.31 4.37 18.68
CA GLY A 128 17.80 3.15 18.04
C GLY A 128 17.51 3.16 16.56
N PRO A 129 18.08 2.19 15.83
CA PRO A 129 18.06 2.26 14.39
C PRO A 129 16.94 1.47 13.67
N TYR A 130 15.91 1.02 14.39
CA TYR A 130 14.95 0.06 13.78
C TYR A 130 13.56 0.61 13.55
N MET A 131 13.33 1.89 13.80
CA MET A 131 11.95 2.38 13.81
C MET A 131 11.32 2.56 12.43
N VAL A 132 12.13 2.88 11.42
CA VAL A 132 11.54 3.06 10.07
C VAL A 132 10.87 1.79 9.54
N PRO A 133 11.55 0.62 9.53
CA PRO A 133 10.85 -0.59 9.10
C PRO A 133 9.63 -1.00 9.92
N ARG A 134 9.61 -0.66 11.21
CA ARG A 134 8.46 -0.96 12.05
C ARG A 134 7.25 -0.10 11.70
N THR A 135 7.51 1.17 11.36
CA THR A 135 6.44 2.16 11.22
C THR A 135 6.03 2.52 9.83
N MET A 136 6.85 2.19 8.85
CA MET A 136 6.56 2.54 7.49
C MET A 136 5.35 1.74 6.97
N SER A 137 4.64 2.29 5.99
CA SER A 137 3.41 1.65 5.45
C SER A 137 3.62 0.28 4.78
N SER A 138 4.83 0.04 4.30
CA SER A 138 5.20 -1.24 3.70
C SER A 138 5.80 -2.23 4.70
N THR A 139 5.65 -2.01 6.00
CA THR A 139 6.28 -2.87 7.03
C THR A 139 6.01 -4.35 6.85
N VAL A 140 4.77 -4.72 6.52
CA VAL A 140 4.46 -6.12 6.38
C VAL A 140 5.21 -6.80 5.21
N SER A 141 5.25 -6.17 4.05
CA SER A 141 5.96 -6.77 2.91
C SER A 141 7.48 -6.75 3.11
N ALA A 142 7.98 -5.64 3.53
CA ALA A 142 9.39 -5.47 3.77
C ALA A 142 9.99 -6.44 4.81
N CYS A 143 9.33 -6.57 5.95
CA CYS A 143 9.82 -7.45 7.00
C CYS A 143 9.71 -8.94 6.68
N LEU A 144 8.85 -9.32 5.75
CA LEU A 144 8.76 -10.70 5.31
C LEU A 144 9.70 -10.99 4.10
N ALA A 145 9.77 -10.08 3.14
CA ALA A 145 10.56 -10.30 1.92
C ALA A 145 12.01 -10.59 2.23
N THR A 146 12.56 -9.87 3.21
CA THR A 146 13.97 -9.96 3.48
C THR A 146 14.37 -11.32 4.08
N PRO A 147 13.76 -11.75 5.19
CA PRO A 147 14.18 -13.05 5.74
C PRO A 147 13.73 -14.27 4.97
N PHE A 148 12.61 -14.20 4.25
CA PHE A 148 12.20 -15.33 3.37
C PHE A 148 12.92 -15.32 1.99
N LYS A 149 13.76 -14.31 1.76
CA LYS A 149 14.59 -14.23 0.55
C LYS A 149 13.73 -14.17 -0.70
N ILE A 150 12.69 -13.35 -0.62
CA ILE A 150 11.78 -13.17 -1.74
C ILE A 150 12.51 -12.36 -2.82
N ARG A 151 12.40 -12.86 -4.04
CA ARG A 151 13.09 -12.27 -5.21
C ARG A 151 12.19 -11.65 -6.30
N GLY A 152 10.89 -11.96 -6.25
CA GLY A 152 9.92 -11.46 -7.16
C GLY A 152 9.34 -10.11 -6.73
N VAL A 153 8.07 -9.85 -7.03
CA VAL A 153 7.49 -8.54 -6.60
C VAL A 153 7.47 -8.51 -5.07
N ASN A 154 7.50 -7.30 -4.53
CA ASN A 154 7.53 -7.08 -3.11
C ASN A 154 6.99 -5.69 -2.83
N TYR A 155 5.74 -5.60 -2.39
CA TYR A 155 5.14 -4.35 -1.98
C TYR A 155 3.89 -4.61 -1.17
N SER A 156 3.36 -3.54 -0.58
CA SER A 156 2.15 -3.60 0.22
C SER A 156 1.05 -2.86 -0.51
N ILE A 157 -0.17 -3.38 -0.44
CA ILE A 157 -1.34 -2.60 -0.80
C ILE A 157 -2.02 -2.22 0.50
N SER A 158 -2.57 -1.00 0.56
CA SER A 158 -3.39 -0.51 1.69
CA SER A 158 -3.39 -0.49 1.67
C SER A 158 -4.69 0.05 1.15
N SER A 159 -5.78 -0.25 1.85
CA SER A 159 -7.09 0.26 1.50
C SER A 159 -8.01 0.06 2.69
N ALA A 160 -7.50 0.45 3.87
CA ALA A 160 -8.24 0.34 5.11
C ALA A 160 -8.77 -1.13 5.28
N CYS A 161 -10.05 -1.31 5.52
CA CYS A 161 -10.59 -2.63 5.79
C CYS A 161 -10.56 -3.58 4.59
N ALA A 162 -10.34 -3.06 3.40
CA ALA A 162 -10.19 -3.84 2.18
C ALA A 162 -8.77 -4.27 1.89
N THR A 163 -7.82 -3.79 2.70
CA THR A 163 -6.37 -3.98 2.47
C THR A 163 -5.97 -5.36 1.94
N SER A 164 -6.21 -6.40 2.73
CA SER A 164 -5.65 -7.71 2.39
C SER A 164 -6.46 -8.42 1.30
N ALA A 165 -7.69 -7.97 1.03
CA ALA A 165 -8.45 -8.46 -0.10
C ALA A 165 -7.91 -7.93 -1.42
N HIS A 166 -7.56 -6.64 -1.46
CA HIS A 166 -6.87 -6.14 -2.65
C HIS A 166 -5.47 -6.76 -2.85
N CYS A 167 -4.79 -7.05 -1.76
CA CYS A 167 -3.53 -7.77 -1.84
C CYS A 167 -3.74 -9.09 -2.57
N ILE A 168 -4.79 -9.83 -2.21
CA ILE A 168 -5.04 -11.12 -2.87
C ILE A 168 -5.42 -10.90 -4.34
N GLY A 169 -6.31 -9.95 -4.58
CA GLY A 169 -6.74 -9.62 -5.96
C GLY A 169 -5.58 -9.21 -6.86
N ASN A 170 -4.69 -8.37 -6.35
CA ASN A 170 -3.48 -7.95 -7.07
C ASN A 170 -2.57 -9.14 -7.41
N ALA A 171 -2.39 -10.06 -6.46
CA ALA A 171 -1.68 -11.30 -6.68
C ALA A 171 -2.23 -12.09 -7.82
N VAL A 172 -3.56 -12.24 -7.87
CA VAL A 172 -4.21 -12.88 -8.97
C VAL A 172 -3.87 -12.21 -10.30
N GLU A 173 -3.95 -10.88 -10.32
CA GLU A 173 -3.64 -10.13 -11.52
C GLU A 173 -2.19 -10.30 -11.99
N LEU A 174 -1.25 -10.35 -11.05
CA LEU A 174 0.17 -10.55 -11.40
C LEU A 174 0.35 -11.88 -12.09
N ILE A 175 -0.37 -12.89 -11.59
CA ILE A 175 -0.30 -14.19 -12.16
C ILE A 175 -0.95 -14.23 -13.56
N GLN A 176 -2.11 -13.58 -13.70
CA GLN A 176 -2.77 -13.51 -14.98
C GLN A 176 -1.98 -12.76 -16.00
N LEU A 177 -1.23 -11.74 -15.59
CA LEU A 177 -0.33 -11.06 -16.52
C LEU A 177 0.91 -11.85 -16.90
N GLY A 178 1.16 -12.97 -16.23
CA GLY A 178 2.33 -13.75 -16.53
C GLY A 178 3.60 -13.29 -15.84
N LYS A 179 3.47 -12.40 -14.87
CA LYS A 179 4.63 -11.85 -14.18
C LYS A 179 5.15 -12.66 -13.02
N GLN A 180 4.34 -13.54 -12.44
CA GLN A 180 4.76 -14.37 -11.32
C GLN A 180 4.03 -15.69 -11.43
N ASP A 181 4.63 -16.75 -10.91
CA ASP A 181 3.96 -18.04 -10.78
C ASP A 181 3.35 -18.25 -9.40
N ILE A 182 3.99 -17.68 -8.37
CA ILE A 182 3.46 -17.70 -7.00
C ILE A 182 3.53 -16.32 -6.41
N VAL A 183 2.48 -15.92 -5.68
CA VAL A 183 2.53 -14.72 -4.89
C VAL A 183 1.99 -15.01 -3.49
N PHE A 184 2.77 -14.68 -2.47
CA PHE A 184 2.30 -14.78 -1.11
C PHE A 184 1.49 -13.51 -0.85
N ALA A 185 0.20 -13.64 -0.52
CA ALA A 185 -0.64 -12.51 -0.31
C ALA A 185 -1.36 -12.52 1.00
N GLY A 186 -1.44 -11.35 1.59
CA GLY A 186 -2.14 -11.25 2.84
C GLY A 186 -1.93 -9.94 3.53
N GLY A 187 -1.85 -10.00 4.85
CA GLY A 187 -1.79 -8.78 5.64
C GLY A 187 -1.66 -9.00 7.10
N GLY A 188 -1.46 -7.92 7.83
CA GLY A 188 -1.33 -7.98 9.28
C GLY A 188 -1.82 -6.67 9.88
N GLU A 189 -2.11 -6.72 11.18
CA GLU A 189 -2.59 -5.57 11.94
C GLU A 189 -2.26 -5.76 13.42
N GLU A 190 -1.61 -4.78 13.99
CA GLU A 190 -1.32 -4.74 15.40
C GLU A 190 -2.55 -4.28 16.12
N LEU A 191 -2.62 -4.61 17.39
CA LEU A 191 -3.78 -4.24 18.20
C LEU A 191 -3.21 -3.51 19.40
N TYR A 192 -3.46 -2.21 19.46
CA TYR A 192 -2.87 -1.35 20.42
C TYR A 192 -3.78 -0.15 20.68
N TRP A 193 -3.71 0.38 21.91
CA TRP A 193 -4.62 1.44 22.36
C TRP A 193 -4.59 2.68 21.43
N SER A 194 -3.43 3.05 20.89
CA SER A 194 -3.34 4.33 20.22
C SER A 194 -4.05 4.36 18.87
N GLN A 195 -3.95 3.26 18.14
CA GLN A 195 -4.74 3.07 16.93
C GLN A 195 -6.24 2.98 17.24
N THR A 196 -6.59 2.15 18.20
CA THR A 196 -7.96 1.99 18.65
C THR A 196 -8.61 3.30 19.05
N MET A 197 -7.87 4.11 19.78
CA MET A 197 -8.30 5.40 20.29
C MET A 197 -8.82 6.31 19.18
N MET A 198 -8.17 6.26 18.01
CA MET A 198 -8.60 7.09 16.89
C MET A 198 -9.97 6.66 16.32
N PHE A 199 -10.25 5.35 16.33
CA PHE A 199 -11.57 4.83 15.95
C PHE A 199 -12.61 5.18 17.02
N ASP A 200 -12.23 5.05 18.29
CA ASP A 200 -13.09 5.43 19.44
C ASP A 200 -13.44 6.91 19.30
N ALA A 201 -12.45 7.72 18.98
CA ALA A 201 -12.69 9.17 18.85
C ALA A 201 -13.72 9.51 17.76
N MET A 202 -13.84 8.70 16.73
CA MET A 202 -14.83 8.93 15.69
C MET A 202 -16.14 8.20 15.93
N GLY A 203 -16.29 7.51 17.05
CA GLY A 203 -17.57 6.87 17.37
C GLY A 203 -17.79 5.56 16.66
N ALA A 204 -16.75 4.93 16.11
CA ALA A 204 -16.97 3.70 15.29
C ALA A 204 -17.10 2.40 16.11
N LEU A 205 -16.63 2.42 17.37
CA LEU A 205 -16.50 1.18 18.15
C LEU A 205 -17.68 0.91 19.04
N SER A 206 -17.89 -0.37 19.32
CA SER A 206 -18.88 -0.79 20.30
C SER A 206 -18.49 -0.33 21.71
N THR A 207 -19.40 0.34 22.38
CA THR A 207 -19.20 0.79 23.75
C THR A 207 -20.24 0.32 24.77
N LYS A 208 -21.40 -0.20 24.33
CA LYS A 208 -22.51 -0.54 25.24
C LYS A 208 -22.45 -1.96 25.83
N TYR A 209 -21.51 -2.78 25.39
CA TYR A 209 -21.46 -4.18 25.84
C TYR A 209 -20.16 -4.55 26.57
N ASN A 210 -19.53 -3.58 27.25
CA ASN A 210 -18.22 -3.82 27.88
C ASN A 210 -18.26 -4.85 29.01
N GLU A 211 -19.42 -4.91 29.67
CA GLU A 211 -19.69 -5.90 30.72
C GLU A 211 -19.92 -7.31 30.18
N THR A 212 -20.19 -7.49 28.88
CA THR A 212 -20.49 -8.79 28.27
C THR A 212 -19.76 -8.86 26.92
N PRO A 213 -18.41 -8.96 26.94
CA PRO A 213 -17.63 -8.80 25.72
C PRO A 213 -17.99 -9.69 24.55
N GLU A 214 -18.34 -10.94 24.80
CA GLU A 214 -18.69 -11.85 23.73
C GLU A 214 -20.00 -11.47 23.00
N LYS A 215 -20.80 -10.59 23.58
CA LYS A 215 -22.02 -10.10 22.95
C LYS A 215 -21.88 -8.76 22.17
N ALA A 216 -20.72 -8.11 22.23
CA ALA A 216 -20.54 -6.78 21.67
C ALA A 216 -20.58 -6.72 20.15
N SER A 217 -19.96 -7.69 19.49
CA SER A 217 -19.95 -7.75 18.03
C SER A 217 -21.17 -8.62 17.61
N ARG A 218 -22.08 -8.03 16.87
CA ARG A 218 -23.46 -8.58 16.71
C ARG A 218 -24.09 -8.09 15.38
N THR A 219 -23.37 -8.39 14.30
CA THR A 219 -23.77 -8.00 12.97
C THR A 219 -25.21 -8.44 12.69
N TYR A 220 -25.99 -7.50 12.17
CA TYR A 220 -27.40 -7.68 11.79
C TYR A 220 -28.39 -7.65 12.95
N ASP A 221 -27.88 -7.59 14.19
CA ASP A 221 -28.77 -7.47 15.34
C ASP A 221 -29.27 -6.01 15.42
N ALA A 222 -30.52 -5.85 15.80
CA ALA A 222 -31.14 -4.51 15.91
C ALA A 222 -30.44 -3.58 16.89
N ASP A 223 -29.78 -4.13 17.91
CA ASP A 223 -29.07 -3.31 18.93
C ASP A 223 -27.54 -3.22 18.77
N ARG A 224 -27.06 -3.48 17.57
CA ARG A 224 -25.64 -3.28 17.28
C ARG A 224 -25.24 -1.82 17.46
N ASP A 225 -23.97 -1.58 17.82
CA ASP A 225 -23.52 -0.22 18.15
C ASP A 225 -22.06 0.06 17.77
N GLY A 226 -21.58 -0.54 16.71
CA GLY A 226 -20.23 -0.33 16.25
C GLY A 226 -19.41 -1.59 16.31
N PHE A 227 -18.23 -1.52 15.70
CA PHE A 227 -17.41 -2.70 15.63
C PHE A 227 -16.53 -2.94 16.86
N VAL A 228 -16.06 -4.17 16.97
CA VAL A 228 -15.09 -4.57 17.98
C VAL A 228 -13.75 -4.72 17.24
N ILE A 229 -12.76 -3.98 17.70
CA ILE A 229 -11.48 -3.97 17.02
C ILE A 229 -10.70 -5.25 17.30
N SER A 230 -10.00 -5.72 16.28
CA SER A 230 -9.14 -6.89 16.41
C SER A 230 -7.87 -6.67 15.56
N GLY A 231 -7.22 -7.75 15.18
CA GLY A 231 -6.01 -7.67 14.38
C GLY A 231 -5.54 -9.05 14.05
N GLY A 232 -4.23 -9.19 13.79
CA GLY A 232 -3.64 -10.49 13.57
C GLY A 232 -2.91 -10.54 12.26
N GLY A 233 -2.77 -11.73 11.70
CA GLY A 233 -2.17 -11.90 10.39
C GLY A 233 -2.80 -13.00 9.59
N GLY A 234 -2.60 -12.97 8.28
CA GLY A 234 -3.05 -14.01 7.41
C GLY A 234 -2.22 -13.97 6.14
N MET A 235 -1.91 -15.14 5.61
CA MET A 235 -1.25 -15.27 4.33
C MET A 235 -1.81 -16.44 3.57
N VAL A 236 -1.98 -16.26 2.27
CA VAL A 236 -2.33 -17.35 1.38
C VAL A 236 -1.29 -17.46 0.25
N VAL A 237 -1.04 -18.68 -0.20
CA VAL A 237 -0.19 -18.93 -1.34
C VAL A 237 -1.10 -18.94 -2.58
N VAL A 238 -0.95 -17.93 -3.43
CA VAL A 238 -1.71 -17.78 -4.67
C VAL A 238 -0.77 -18.25 -5.81
N GLU A 239 -1.24 -19.16 -6.65
CA GLU A 239 -0.36 -19.86 -7.57
C GLU A 239 -1.04 -20.11 -8.91
N GLU A 240 -0.27 -20.07 -9.98
CA GLU A 240 -0.79 -20.41 -11.27
C GLU A 240 -1.21 -21.92 -11.27
N LEU A 241 -2.35 -22.22 -11.86
CA LEU A 241 -2.92 -23.56 -11.80
C LEU A 241 -2.03 -24.66 -12.35
N GLU A 242 -1.45 -24.48 -13.53
CA GLU A 242 -0.57 -25.53 -14.08
C GLU A 242 0.65 -25.79 -13.25
N HIS A 243 1.22 -24.71 -12.72
CA HIS A 243 2.38 -24.79 -11.84
C HIS A 243 2.02 -25.61 -10.57
N ALA A 244 0.84 -25.34 -10.03
CA ALA A 244 0.34 -26.05 -8.85
C ALA A 244 0.16 -27.54 -9.12
N LEU A 245 -0.52 -27.84 -10.21
CA LEU A 245 -0.77 -29.24 -10.60
C LEU A 245 0.55 -29.98 -10.89
N ALA A 246 1.47 -29.32 -11.55
CA ALA A 246 2.71 -30.03 -11.93
C ALA A 246 3.50 -30.45 -10.70
N ARG A 247 3.45 -29.65 -9.63
CA ARG A 247 4.20 -30.01 -8.41
C ARG A 247 3.38 -30.80 -7.41
N GLY A 248 2.16 -31.18 -7.75
CA GLY A 248 1.36 -31.98 -6.83
C GLY A 248 0.93 -31.16 -5.62
N ALA A 249 0.60 -29.92 -5.85
CA ALA A 249 0.07 -29.06 -4.77
C ALA A 249 -1.29 -29.47 -4.20
N LYS A 250 -1.53 -29.15 -2.94
CA LYS A 250 -2.89 -29.17 -2.36
C LYS A 250 -3.59 -27.95 -2.92
N ILE A 251 -4.78 -28.13 -3.49
CA ILE A 251 -5.54 -26.98 -4.03
C ILE A 251 -6.78 -26.83 -3.21
N TYR A 252 -6.86 -25.74 -2.46
CA TYR A 252 -8.03 -25.44 -1.69
C TYR A 252 -9.16 -24.93 -2.57
N GLY A 253 -8.82 -24.22 -3.62
CA GLY A 253 -9.81 -23.59 -4.47
C GLY A 253 -9.20 -22.71 -5.54
N GLU A 254 -10.02 -22.36 -6.50
CA GLU A 254 -9.66 -21.47 -7.58
C GLU A 254 -10.28 -20.09 -7.36
N ILE A 255 -9.46 -19.03 -7.48
CA ILE A 255 -10.01 -17.68 -7.43
C ILE A 255 -10.55 -17.39 -8.80
N VAL A 256 -11.87 -17.42 -8.94
CA VAL A 256 -12.53 -17.24 -10.22
C VAL A 256 -13.03 -15.83 -10.42
N GLY A 257 -12.94 -14.99 -9.39
CA GLY A 257 -13.50 -13.64 -9.47
C GLY A 257 -12.88 -12.68 -8.48
N TYR A 258 -12.62 -11.46 -8.96
CA TYR A 258 -12.05 -10.38 -8.17
C TYR A 258 -12.65 -9.09 -8.65
N GLY A 259 -13.29 -8.39 -7.75
CA GLY A 259 -13.86 -7.07 -8.01
C GLY A 259 -13.16 -6.04 -7.16
N ALA A 260 -12.89 -4.88 -7.77
CA ALA A 260 -12.38 -3.74 -7.05
C ALA A 260 -13.05 -2.50 -7.63
N THR A 261 -13.73 -1.73 -6.81
CA THR A 261 -14.39 -0.51 -7.26
C THR A 261 -14.28 0.56 -6.19
N SER A 262 -14.86 1.70 -6.47
CA SER A 262 -14.82 2.85 -5.57
C SER A 262 -16.20 3.53 -5.56
N ASP A 263 -16.69 3.90 -4.39
CA ASP A 263 -18.02 4.54 -4.28
C ASP A 263 -18.04 5.95 -4.89
N GLY A 264 -16.97 6.70 -4.65
CA GLY A 264 -16.98 8.12 -4.99
C GLY A 264 -18.00 8.99 -4.22
N TYR A 265 -18.17 8.74 -2.92
CA TYR A 265 -19.35 9.25 -2.22
C TYR A 265 -19.02 9.82 -0.85
N ASP A 266 -18.71 8.98 0.13
CA ASP A 266 -18.44 9.48 1.49
C ASP A 266 -17.17 8.81 2.04
N MET A 267 -16.44 9.56 2.86
CA MET A 267 -15.20 9.04 3.46
C MET A 267 -15.45 7.88 4.40
N VAL A 268 -16.56 7.91 5.12
CA VAL A 268 -16.78 6.90 6.16
C VAL A 268 -17.97 5.94 5.91
N ALA A 269 -19.05 6.42 5.32
CA ALA A 269 -20.23 5.59 5.10
C ALA A 269 -20.21 5.00 3.68
N PRO A 270 -20.58 3.71 3.52
CA PRO A 270 -20.66 3.12 2.17
C PRO A 270 -21.90 3.63 1.44
N SER A 271 -21.80 3.75 0.12
CA SER A 271 -22.91 4.14 -0.71
C SER A 271 -23.90 3.02 -0.99
N GLY A 272 -23.47 1.76 -0.95
CA GLY A 272 -24.24 0.64 -1.52
C GLY A 272 -23.99 0.39 -3.02
N GLU A 273 -23.96 1.47 -3.79
CA GLU A 273 -23.89 1.40 -5.23
C GLU A 273 -22.52 0.86 -5.68
N GLY A 274 -21.44 1.27 -4.99
CA GLY A 274 -20.12 0.70 -5.30
C GLY A 274 -19.95 -0.80 -5.05
N ALA A 275 -20.54 -1.27 -3.96
CA ALA A 275 -20.57 -2.68 -3.62
C ALA A 275 -21.31 -3.53 -4.66
N ILE A 276 -22.40 -3.01 -5.19
CA ILE A 276 -23.15 -3.65 -6.28
C ILE A 276 -22.23 -3.89 -7.47
N ARG A 277 -21.52 -2.85 -7.87
CA ARG A 277 -20.60 -2.96 -9.02
C ARG A 277 -19.48 -3.93 -8.74
N CYS A 278 -19.02 -3.96 -7.50
CA CYS A 278 -17.91 -4.78 -7.09
C CYS A 278 -18.30 -6.26 -7.12
N MET A 279 -19.43 -6.60 -6.49
CA MET A 279 -19.92 -7.96 -6.55
C MET A 279 -20.14 -8.46 -7.98
N LYS A 280 -20.82 -7.64 -8.79
CA LYS A 280 -21.08 -8.00 -10.18
C LYS A 280 -19.83 -8.23 -10.98
N MET A 281 -18.83 -7.37 -10.81
CA MET A 281 -17.54 -7.57 -11.47
C MET A 281 -16.89 -8.90 -11.05
N ALA A 282 -16.93 -9.23 -9.77
CA ALA A 282 -16.35 -10.50 -9.29
C ALA A 282 -17.17 -11.71 -9.79
N MET A 283 -18.44 -11.50 -10.13
CA MET A 283 -19.29 -12.61 -10.53
CA MET A 283 -19.31 -12.59 -10.55
C MET A 283 -19.31 -12.79 -12.04
N GLN A 284 -18.59 -11.96 -12.79
CA GLN A 284 -18.58 -12.13 -14.25
C GLN A 284 -18.17 -13.55 -14.63
N GLY A 285 -19.01 -14.23 -15.39
CA GLY A 285 -18.77 -15.63 -15.79
C GLY A 285 -18.81 -16.67 -14.68
N VAL A 286 -19.33 -16.33 -13.51
CA VAL A 286 -19.53 -17.29 -12.43
C VAL A 286 -20.98 -17.79 -12.42
N ASP A 287 -21.15 -19.11 -12.42
CA ASP A 287 -22.49 -19.71 -12.52
C ASP A 287 -23.38 -19.42 -11.30
N LYS A 288 -22.90 -19.74 -10.09
CA LYS A 288 -23.77 -19.65 -8.89
C LYS A 288 -22.97 -19.50 -7.61
N ILE A 289 -23.36 -18.57 -6.74
CA ILE A 289 -22.73 -18.37 -5.41
C ILE A 289 -23.51 -19.13 -4.33
N ASP A 290 -22.81 -20.00 -3.59
CA ASP A 290 -23.47 -20.77 -2.51
C ASP A 290 -23.50 -20.07 -1.13
N TYR A 291 -22.53 -19.18 -0.90
CA TYR A 291 -22.36 -18.61 0.40
C TYR A 291 -21.60 -17.30 0.27
N ILE A 292 -22.05 -16.28 1.02
CA ILE A 292 -21.38 -14.99 1.10
C ILE A 292 -20.93 -14.69 2.52
N ASN A 293 -19.61 -14.50 2.70
CA ASN A 293 -19.08 -14.02 3.92
C ASN A 293 -19.06 -12.51 3.80
N THR A 294 -19.94 -11.85 4.54
CA THR A 294 -20.16 -10.41 4.34
C THR A 294 -19.09 -9.59 5.04
N HIS A 295 -18.91 -8.35 4.62
CA HIS A 295 -18.03 -7.42 5.33
C HIS A 295 -18.55 -7.23 6.79
N GLY A 296 -19.85 -6.99 6.92
CA GLY A 296 -20.59 -7.12 8.19
C GLY A 296 -19.89 -6.77 9.51
N THR A 297 -19.66 -5.48 9.77
CA THR A 297 -18.81 -5.11 10.89
C THR A 297 -19.57 -4.88 12.22
N SER A 298 -20.89 -4.92 12.20
CA SER A 298 -21.72 -4.62 13.36
C SER A 298 -21.95 -3.10 13.55
N THR A 299 -22.00 -2.35 12.44
CA THR A 299 -22.37 -0.93 12.46
C THR A 299 -23.80 -0.74 11.95
N PRO A 300 -24.52 0.29 12.46
CA PRO A 300 -25.93 0.52 12.00
C PRO A 300 -26.12 0.73 10.47
N VAL A 301 -25.39 1.68 9.89
CA VAL A 301 -25.52 1.98 8.47
C VAL A 301 -24.89 0.91 7.60
N GLY A 302 -23.64 0.57 7.90
CA GLY A 302 -22.85 -0.35 7.09
C GLY A 302 -23.55 -1.69 6.81
N ASP A 303 -24.09 -2.31 7.85
CA ASP A 303 -24.70 -3.65 7.73
C ASP A 303 -25.85 -3.59 6.73
N VAL A 304 -26.62 -2.52 6.80
CA VAL A 304 -27.82 -2.34 5.94
C VAL A 304 -27.48 -2.07 4.47
N LYS A 305 -26.46 -1.24 4.22
CA LYS A 305 -26.11 -0.94 2.85
C LYS A 305 -25.65 -2.19 2.15
N GLU A 306 -24.90 -3.05 2.83
CA GLU A 306 -24.39 -4.26 2.21
C GLU A 306 -25.50 -5.26 1.91
N LEU A 307 -26.43 -5.42 2.83
CA LEU A 307 -27.61 -6.29 2.58
C LEU A 307 -28.48 -5.84 1.40
N GLY A 308 -28.71 -4.54 1.29
CA GLY A 308 -29.40 -3.95 0.15
C GLY A 308 -28.64 -4.24 -1.14
N ALA A 309 -27.32 -4.13 -1.12
CA ALA A 309 -26.51 -4.40 -2.30
C ALA A 309 -26.68 -5.86 -2.67
N ILE A 310 -26.62 -6.76 -1.70
CA ILE A 310 -26.74 -8.19 -1.96
C ILE A 310 -28.10 -8.53 -2.55
N GLN A 311 -29.14 -7.94 -2.00
CA GLN A 311 -30.44 -8.16 -2.54
C GLN A 311 -30.60 -7.69 -3.98
N GLU A 312 -30.00 -6.56 -4.30
CA GLU A 312 -30.07 -6.05 -5.64
C GLU A 312 -29.28 -6.96 -6.60
N VAL A 313 -28.10 -7.42 -6.20
CA VAL A 313 -27.31 -8.25 -7.06
C VAL A 313 -27.98 -9.59 -7.30
N PHE A 314 -28.42 -10.25 -6.24
CA PHE A 314 -28.88 -11.64 -6.36
C PHE A 314 -30.35 -11.84 -6.59
N GLY A 315 -31.17 -10.85 -6.27
CA GLY A 315 -32.61 -11.03 -6.21
C GLY A 315 -32.98 -12.17 -5.26
N GLY A 316 -33.97 -12.95 -5.66
CA GLY A 316 -34.64 -13.87 -4.77
C GLY A 316 -33.89 -15.15 -4.60
N ASN A 317 -34.05 -15.81 -3.45
CA ASN A 317 -33.43 -17.12 -3.16
C ASN A 317 -31.90 -16.91 -3.16
N SER A 318 -31.48 -15.85 -2.46
CA SER A 318 -30.09 -15.31 -2.25
C SER A 318 -29.19 -16.45 -1.78
N PRO A 319 -27.86 -16.32 -1.93
CA PRO A 319 -27.05 -17.28 -1.20
C PRO A 319 -27.20 -17.18 0.33
N ALA A 320 -26.78 -18.22 1.00
CA ALA A 320 -26.60 -18.22 2.42
C ALA A 320 -25.58 -17.12 2.80
N ILE A 321 -25.85 -16.41 3.89
CA ILE A 321 -25.03 -15.29 4.32
C ILE A 321 -24.60 -15.47 5.77
N SER A 322 -23.31 -15.25 6.09
CA SER A 322 -22.96 -14.99 7.50
C SER A 322 -21.81 -14.01 7.64
N ALA A 323 -21.79 -13.33 8.78
CA ALA A 323 -20.73 -12.37 9.10
C ALA A 323 -19.87 -12.99 10.19
N THR A 324 -18.69 -13.45 9.83
CA THR A 324 -17.79 -14.01 10.83
C THR A 324 -17.25 -12.98 11.81
N LYS A 325 -17.30 -11.69 11.47
CA LYS A 325 -16.92 -10.66 12.41
C LYS A 325 -17.68 -10.66 13.73
N ALA A 326 -18.92 -11.18 13.76
CA ALA A 326 -19.62 -11.32 15.02
C ALA A 326 -18.85 -12.19 16.00
N MET A 327 -18.08 -13.16 15.48
CA MET A 327 -17.22 -14.00 16.31
C MET A 327 -15.85 -13.35 16.53
N THR A 328 -15.28 -12.80 15.47
CA THR A 328 -13.86 -12.43 15.47
C THR A 328 -13.53 -11.02 15.81
N GLY A 329 -14.50 -10.10 15.64
CA GLY A 329 -14.18 -8.69 15.57
C GLY A 329 -13.58 -8.33 14.22
N HIS A 330 -13.17 -7.07 14.10
CA HIS A 330 -12.71 -6.50 12.86
C HIS A 330 -11.19 -6.39 12.88
N ALA A 331 -10.53 -7.21 12.06
CA ALA A 331 -9.09 -7.32 12.02
C ALA A 331 -8.42 -6.31 11.07
N LEU A 332 -9.19 -5.35 10.57
CA LEU A 332 -8.74 -4.17 9.84
C LEU A 332 -7.91 -4.58 8.63
N GLY A 333 -6.62 -4.32 8.62
CA GLY A 333 -5.79 -4.71 7.47
C GLY A 333 -5.71 -6.22 7.24
N ALA A 334 -5.90 -7.03 8.29
CA ALA A 334 -5.90 -8.43 8.15
C ALA A 334 -7.29 -9.01 7.89
N ALA A 335 -8.33 -8.19 7.82
CA ALA A 335 -9.70 -8.76 7.73
C ALA A 335 -9.98 -9.48 6.40
N GLY A 336 -9.47 -8.92 5.30
CA GLY A 336 -9.69 -9.49 3.98
C GLY A 336 -9.13 -10.89 3.84
N VAL A 337 -7.89 -11.05 4.24
CA VAL A 337 -7.26 -12.37 4.17
C VAL A 337 -7.85 -13.30 5.24
N HIS A 338 -8.11 -12.82 6.45
CA HIS A 338 -8.77 -13.72 7.44
C HIS A 338 -10.06 -14.30 6.88
N GLU A 339 -10.88 -13.46 6.27
CA GLU A 339 -12.17 -13.89 5.78
C GLU A 339 -12.10 -14.68 4.49
N ALA A 340 -11.07 -14.46 3.68
CA ALA A 340 -10.82 -15.36 2.55
C ALA A 340 -10.46 -16.75 3.07
N ILE A 341 -9.65 -16.81 4.12
CA ILE A 341 -9.29 -18.07 4.76
C ILE A 341 -10.51 -18.74 5.38
N TYR A 342 -11.29 -18.00 6.15
CA TYR A 342 -12.50 -18.57 6.76
C TYR A 342 -13.41 -19.18 5.70
N SER A 343 -13.60 -18.44 4.61
CA SER A 343 -14.47 -18.82 3.52
C SER A 343 -13.91 -20.04 2.79
N THR A 344 -12.59 -20.04 2.58
CA THR A 344 -11.95 -21.16 1.97
C THR A 344 -12.01 -22.44 2.84
N LEU A 345 -11.93 -22.29 4.16
CA LEU A 345 -12.08 -23.43 5.07
C LEU A 345 -13.50 -23.97 5.03
N MET A 346 -14.47 -23.09 4.96
CA MET A 346 -15.87 -23.49 4.74
C MET A 346 -16.00 -24.25 3.46
N LEU A 347 -15.40 -23.72 2.38
CA LEU A 347 -15.46 -24.40 1.09
C LEU A 347 -14.83 -25.79 1.15
N HIS A 348 -13.67 -25.87 1.77
CA HIS A 348 -12.85 -27.09 1.76
C HIS A 348 -13.39 -28.16 2.70
N HIS A 349 -13.88 -27.76 3.86
CA HIS A 349 -14.39 -28.69 4.85
C HIS A 349 -15.92 -28.88 4.78
N GLY A 350 -16.64 -28.11 3.95
CA GLY A 350 -18.05 -28.35 3.76
C GLY A 350 -18.91 -27.97 4.97
N PHE A 351 -18.87 -26.70 5.33
CA PHE A 351 -19.78 -26.14 6.34
C PHE A 351 -19.92 -24.63 6.17
N ILE A 352 -20.98 -24.08 6.75
CA ILE A 352 -21.12 -22.64 6.89
C ILE A 352 -21.12 -22.27 8.38
N ALA A 353 -20.22 -21.34 8.74
CA ALA A 353 -20.13 -20.83 10.10
C ALA A 353 -21.32 -19.92 10.42
N PRO A 354 -21.86 -20.00 11.66
CA PRO A 354 -23.00 -19.18 12.04
C PRO A 354 -22.66 -17.68 12.19
N SER A 355 -23.65 -16.86 11.92
CA SER A 355 -23.63 -15.41 12.22
C SER A 355 -24.21 -15.28 13.65
N ILE A 356 -23.34 -15.09 14.63
CA ILE A 356 -23.76 -15.18 16.04
C ILE A 356 -24.27 -13.85 16.60
N ASN A 357 -24.85 -13.94 17.79
CA ASN A 357 -25.38 -12.80 18.54
C ASN A 357 -26.55 -12.04 17.93
N ILE A 358 -27.35 -12.67 17.08
CA ILE A 358 -28.54 -12.03 16.54
C ILE A 358 -29.76 -12.37 17.41
N ASP A 359 -30.12 -11.46 18.31
CA ASP A 359 -31.31 -11.62 19.12
C ASP A 359 -32.55 -11.06 18.43
N THR A 360 -32.39 -9.98 17.68
CA THR A 360 -33.46 -9.38 16.88
C THR A 360 -32.88 -9.01 15.55
N LEU A 361 -33.37 -9.68 14.52
CA LEU A 361 -32.82 -9.54 13.17
C LEU A 361 -33.31 -8.25 12.54
N ASP A 362 -32.38 -7.47 11.99
CA ASP A 362 -32.77 -6.16 11.37
C ASP A 362 -33.72 -6.40 10.20
N GLU A 363 -34.69 -5.50 9.99
CA GLU A 363 -35.61 -5.65 8.86
C GLU A 363 -34.95 -5.63 7.50
N ALA A 364 -33.79 -5.02 7.39
CA ALA A 364 -33.08 -5.00 6.12
C ALA A 364 -32.67 -6.41 5.66
N ALA A 365 -32.60 -7.37 6.59
CA ALA A 365 -32.31 -8.75 6.27
C ALA A 365 -33.51 -9.57 5.82
N GLN A 366 -34.68 -8.97 5.68
CA GLN A 366 -35.82 -9.72 5.26
C GLN A 366 -35.65 -10.30 3.85
N GLY A 367 -36.04 -11.54 3.71
CA GLY A 367 -35.92 -12.23 2.45
C GLY A 367 -34.51 -12.67 2.11
N LEU A 368 -33.61 -12.67 3.10
CA LEU A 368 -32.25 -13.18 2.96
C LEU A 368 -32.06 -14.33 3.91
N ASP A 369 -31.14 -15.22 3.54
CA ASP A 369 -30.83 -16.41 4.31
C ASP A 369 -29.62 -16.12 5.19
N ILE A 370 -29.87 -15.50 6.34
CA ILE A 370 -28.82 -15.26 7.33
C ILE A 370 -28.63 -16.55 8.13
N VAL A 371 -27.44 -17.14 8.04
CA VAL A 371 -27.15 -18.42 8.72
C VAL A 371 -26.86 -18.16 10.20
N THR A 372 -27.66 -18.67 11.10
CA THR A 372 -27.42 -18.49 12.57
C THR A 372 -27.08 -19.77 13.33
N GLU A 373 -27.02 -20.91 12.65
CA GLU A 373 -26.54 -22.16 13.23
C GLU A 373 -25.59 -22.83 12.25
N LEU A 374 -24.58 -23.54 12.76
CA LEU A 374 -23.64 -24.31 11.94
C LEU A 374 -24.44 -25.15 10.93
N ARG A 375 -24.04 -25.10 9.68
CA ARG A 375 -24.77 -25.78 8.61
C ARG A 375 -23.74 -26.60 7.87
N GLU A 376 -23.92 -27.92 7.82
CA GLU A 376 -22.90 -28.78 7.22
C GLU A 376 -23.38 -29.20 5.85
N GLN A 377 -22.62 -28.83 4.85
CA GLN A 377 -22.98 -29.12 3.47
C GLN A 377 -21.84 -28.83 2.52
N GLU A 378 -21.87 -29.49 1.38
CA GLU A 378 -20.93 -29.23 0.31
C GLU A 378 -21.22 -27.85 -0.27
N LEU A 379 -20.17 -27.07 -0.44
CA LEU A 379 -20.22 -25.77 -1.08
C LEU A 379 -19.36 -25.88 -2.33
N THR A 380 -19.76 -25.21 -3.39
CA THR A 380 -18.99 -25.24 -4.64
C THR A 380 -18.31 -23.89 -4.85
N THR A 381 -19.02 -22.80 -4.54
CA THR A 381 -18.55 -21.42 -4.77
C THR A 381 -18.87 -20.54 -3.58
N VAL A 382 -17.87 -19.79 -3.11
CA VAL A 382 -18.06 -18.80 -2.04
C VAL A 382 -17.60 -17.38 -2.45
N MET A 383 -18.12 -16.36 -1.79
CA MET A 383 -17.83 -14.95 -2.06
C MET A 383 -17.54 -14.26 -0.72
N SER A 384 -16.55 -13.39 -0.71
CA SER A 384 -16.17 -12.65 0.48
C SER A 384 -16.03 -11.18 0.13
N ASN A 385 -16.75 -10.31 0.83
CA ASN A 385 -16.76 -8.87 0.60
C ASN A 385 -15.95 -8.10 1.63
N SER A 386 -15.22 -7.08 1.16
CA SER A 386 -14.45 -6.18 2.06
C SER A 386 -14.61 -4.73 1.58
N PHE A 387 -15.11 -3.86 2.43
CA PHE A 387 -15.38 -2.46 2.06
C PHE A 387 -14.65 -1.59 3.05
N GLY A 388 -13.88 -0.61 2.59
CA GLY A 388 -13.10 0.24 3.49
C GLY A 388 -13.43 1.72 3.44
N PHE A 389 -12.98 2.43 4.48
CA PHE A 389 -13.04 3.90 4.44
C PHE A 389 -12.43 4.38 3.17
N GLY A 390 -12.89 5.56 2.73
CA GLY A 390 -12.59 6.10 1.43
C GLY A 390 -13.42 5.53 0.30
N GLY A 391 -14.49 4.81 0.63
CA GLY A 391 -15.31 4.18 -0.40
C GLY A 391 -14.70 3.08 -1.24
N THR A 392 -13.75 2.33 -0.71
CA THR A 392 -13.02 1.33 -1.50
C THR A 392 -13.59 -0.05 -1.28
N ASN A 393 -13.81 -0.80 -2.36
CA ASN A 393 -14.52 -2.10 -2.31
C ASN A 393 -13.67 -3.17 -2.97
N ALA A 394 -13.60 -4.33 -2.33
CA ALA A 394 -13.02 -5.54 -2.90
C ALA A 394 -13.95 -6.71 -2.66
N THR A 395 -14.12 -7.56 -3.66
CA THR A 395 -14.84 -8.83 -3.54
C THR A 395 -13.98 -9.96 -4.14
N LEU A 396 -13.91 -11.10 -3.47
CA LEU A 396 -13.26 -12.26 -4.01
C LEU A 396 -14.26 -13.38 -4.13
N VAL A 397 -14.16 -14.15 -5.21
CA VAL A 397 -14.99 -15.35 -5.42
C VAL A 397 -14.09 -16.54 -5.62
N ILE A 398 -14.31 -17.57 -4.82
CA ILE A 398 -13.49 -18.78 -4.75
C ILE A 398 -14.35 -20.00 -5.02
N LYS A 399 -13.91 -20.82 -5.97
CA LYS A 399 -14.66 -22.01 -6.40
C LYS A 399 -13.82 -23.27 -6.20
N LYS A 400 -14.47 -24.39 -5.88
CA LYS A 400 -13.81 -25.69 -5.79
C LYS A 400 -13.12 -26.02 -7.08
N TYR A 401 -11.91 -26.52 -7.01
CA TYR A 401 -11.23 -27.01 -8.18
C TYR A 401 -11.49 -28.51 -8.30
N GLN A 402 -12.05 -28.93 -9.43
CA GLN A 402 -12.54 -30.33 -9.55
C GLN A 402 -12.01 -31.08 -10.75
N GLY A 403 -10.76 -30.78 -11.09
CA GLY A 403 -10.09 -31.50 -12.16
C GLY A 403 -10.50 -30.99 -13.53
N LEU A 404 -11.34 -29.98 -13.61
CA LEU A 404 -11.76 -29.37 -14.87
C LEU A 404 -11.43 -27.87 -14.86
N MET B 1 -0.97 -6.58 -26.85
CA MET B 1 -1.22 -5.96 -25.49
C MET B 1 -1.37 -4.44 -25.56
N LYS B 2 -2.23 -3.88 -24.72
CA LYS B 2 -2.52 -2.45 -24.78
C LYS B 2 -1.31 -1.60 -24.42
N ARG B 3 -1.17 -0.49 -25.12
CA ARG B 3 -0.11 0.46 -24.88
C ARG B 3 -0.62 1.54 -23.93
N VAL B 4 0.29 2.10 -23.16
CA VAL B 4 -0.04 3.03 -22.07
C VAL B 4 0.81 4.28 -22.18
N VAL B 5 0.15 5.43 -22.05
CA VAL B 5 0.79 6.72 -22.15
C VAL B 5 0.49 7.62 -20.97
N ILE B 6 1.36 8.59 -20.80
CA ILE B 6 1.22 9.67 -19.84
C ILE B 6 0.63 10.91 -20.56
N THR B 7 -0.53 11.36 -20.08
CA THR B 7 -1.24 12.47 -20.70
C THR B 7 -1.42 13.69 -19.79
N GLY B 8 -0.92 13.65 -18.56
CA GLY B 8 -1.07 14.74 -17.63
C GLY B 8 -0.15 14.52 -16.48
N MET B 9 0.37 15.59 -15.93
CA MET B 9 1.32 15.57 -14.84
C MET B 9 1.05 16.71 -13.88
N GLY B 10 1.25 16.44 -12.60
CA GLY B 10 1.12 17.45 -11.56
C GLY B 10 2.10 17.17 -10.46
N ILE B 11 2.60 18.21 -9.80
CA ILE B 11 3.68 18.03 -8.86
C ILE B 11 3.82 19.15 -7.85
N ILE B 12 4.13 18.77 -6.62
CA ILE B 12 4.59 19.68 -5.57
C ILE B 12 5.87 19.10 -5.04
N SER B 13 6.97 19.77 -5.27
CA SER B 13 8.24 19.29 -4.83
C SER B 13 9.08 20.41 -4.29
N SER B 14 10.21 20.04 -3.70
CA SER B 14 11.14 21.04 -3.21
C SER B 14 11.67 21.99 -4.29
N ILE B 15 11.60 21.58 -5.56
CA ILE B 15 12.07 22.47 -6.67
C ILE B 15 10.96 23.12 -7.51
N GLY B 16 9.73 23.04 -7.03
CA GLY B 16 8.65 23.74 -7.69
C GLY B 16 7.25 23.27 -7.25
N ASN B 17 6.29 24.17 -7.35
CA ASN B 17 4.91 23.89 -7.06
C ASN B 17 4.02 23.50 -8.23
N ASN B 18 4.62 23.36 -9.39
CA ASN B 18 3.93 22.95 -10.60
C ASN B 18 5.02 22.60 -11.62
N VAL B 19 4.63 22.08 -12.78
CA VAL B 19 5.57 21.62 -13.80
C VAL B 19 6.47 22.74 -14.36
N GLU B 20 5.91 23.95 -14.58
CA GLU B 20 6.69 25.08 -15.12
C GLU B 20 7.83 25.45 -14.18
N GLU B 21 7.56 25.52 -12.88
CA GLU B 21 8.63 25.81 -11.90
C GLU B 21 9.65 24.70 -11.81
N VAL B 22 9.18 23.47 -11.79
CA VAL B 22 10.07 22.32 -11.67
C VAL B 22 11.01 22.28 -12.90
N LEU B 23 10.45 22.50 -14.07
CA LEU B 23 11.23 22.52 -15.34
C LEU B 23 12.31 23.55 -15.31
N ALA B 24 12.00 24.75 -14.84
CA ALA B 24 13.01 25.76 -14.68
C ALA B 24 14.12 25.35 -13.72
N SER B 25 13.76 24.72 -12.60
CA SER B 25 14.74 24.32 -11.62
C SER B 25 15.66 23.23 -12.18
N LEU B 26 15.10 22.27 -12.89
CA LEU B 26 15.87 21.18 -13.48
C LEU B 26 16.93 21.70 -14.47
N LYS B 27 16.53 22.63 -15.31
CA LYS B 27 17.43 23.18 -16.32
C LYS B 27 18.55 23.99 -15.68
N ALA B 28 18.21 24.74 -14.61
CA ALA B 28 19.19 25.55 -13.88
C ALA B 28 20.04 24.79 -12.90
N GLY B 29 19.73 23.53 -12.60
CA GLY B 29 20.43 22.81 -11.54
C GLY B 29 20.24 23.48 -10.18
N LYS B 30 19.04 24.01 -9.95
CA LYS B 30 18.74 24.76 -8.73
C LYS B 30 18.38 23.87 -7.57
N SER B 31 19.05 24.04 -6.42
CA SER B 31 18.76 23.22 -5.23
C SER B 31 17.42 23.62 -4.59
N GLY B 32 16.64 22.64 -4.16
CA GLY B 32 15.49 22.91 -3.34
C GLY B 32 15.71 22.73 -1.84
N ILE B 33 16.98 22.64 -1.40
CA ILE B 33 17.29 22.29 -0.03
C ILE B 33 17.53 23.57 0.79
N THR B 34 16.96 23.64 1.99
CA THR B 34 17.12 24.74 2.91
C THR B 34 17.38 24.22 4.35
N ALA B 35 17.76 25.12 5.24
CA ALA B 35 17.88 24.79 6.67
C ALA B 35 16.49 24.55 7.26
N SER B 36 16.39 23.62 8.17
CA SER B 36 15.12 23.35 8.87
C SER B 36 15.23 23.78 10.32
N GLU B 37 14.62 24.91 10.69
CA GLU B 37 14.55 25.29 12.12
C GLU B 37 13.79 24.25 12.96
N GLN B 38 12.71 23.71 12.43
CA GLN B 38 11.97 22.65 13.09
C GLN B 38 12.86 21.47 13.53
N PHE B 39 13.72 20.99 12.64
CA PHE B 39 14.61 19.85 12.95
C PHE B 39 15.62 20.25 14.02
N LYS B 40 16.13 21.48 13.93
CA LYS B 40 17.04 22.00 14.95
C LYS B 40 16.35 22.11 16.30
N GLU B 41 15.14 22.65 16.33
CA GLU B 41 14.43 22.81 17.59
C GLU B 41 14.13 21.49 18.29
N HIS B 42 14.00 20.41 17.54
CA HIS B 42 13.77 19.09 18.10
C HIS B 42 15.02 18.30 18.39
N GLY B 43 16.19 18.90 18.23
CA GLY B 43 17.43 18.25 18.61
C GLY B 43 17.89 17.17 17.63
N LEU B 44 17.42 17.24 16.40
CA LEU B 44 17.89 16.32 15.35
C LEU B 44 19.29 16.73 14.87
N ARG B 45 20.10 15.75 14.45
CA ARG B 45 21.44 16.04 13.89
C ARG B 45 21.42 16.54 12.47
N SER B 46 20.46 16.07 11.67
CA SER B 46 20.26 16.57 10.31
C SER B 46 19.32 17.76 10.41
N GLN B 47 19.75 18.89 9.88
CA GLN B 47 18.96 20.12 10.00
C GLN B 47 18.75 20.77 8.62
N VAL B 48 18.60 19.94 7.62
CA VAL B 48 18.34 20.39 6.26
C VAL B 48 17.17 19.60 5.72
N TRP B 49 16.42 20.20 4.81
CA TRP B 49 15.29 19.52 4.19
C TRP B 49 14.99 20.11 2.83
N GLY B 50 14.35 19.29 1.99
CA GLY B 50 13.79 19.72 0.75
C GLY B 50 12.35 20.07 1.04
N ASP B 51 12.14 21.25 1.57
CA ASP B 51 10.81 21.67 1.98
C ASP B 51 9.88 22.08 0.83
N LEU B 52 8.57 22.05 1.10
CA LEU B 52 7.58 22.40 0.10
C LEU B 52 7.14 23.81 0.36
N LYS B 53 7.37 24.68 -0.61
CA LYS B 53 7.13 26.14 -0.45
C LYS B 53 5.69 26.47 -0.84
N ILE B 54 4.74 25.93 -0.10
CA ILE B 54 3.35 26.10 -0.42
C ILE B 54 2.49 25.91 0.83
N ASN B 55 1.35 26.56 0.81
CA ASN B 55 0.41 26.51 1.86
C ASN B 55 -0.81 25.72 1.42
N PRO B 56 -0.90 24.44 1.75
CA PRO B 56 -2.04 23.71 1.15
C PRO B 56 -3.45 24.21 1.61
N GLU B 57 -3.55 24.75 2.83
CA GLU B 57 -4.83 25.26 3.36
C GLU B 57 -5.34 26.45 2.59
N GLU B 58 -4.47 27.15 1.88
CA GLU B 58 -4.92 28.24 1.02
C GLU B 58 -5.72 27.72 -0.18
N HIS B 59 -5.39 26.49 -0.60
CA HIS B 59 -5.82 25.98 -1.86
C HIS B 59 -6.80 24.82 -1.75
N ILE B 60 -7.09 24.30 -0.54
CA ILE B 60 -8.00 23.19 -0.38
C ILE B 60 -9.03 23.62 0.65
N ASP B 61 -10.28 23.35 0.34
CA ASP B 61 -11.39 23.68 1.24
C ASP B 61 -11.38 22.80 2.49
N ARG B 62 -11.82 23.37 3.60
CA ARG B 62 -11.97 22.64 4.85
C ARG B 62 -12.68 21.30 4.68
N LYS B 63 -13.72 21.26 3.88
CA LYS B 63 -14.48 20.03 3.72
C LYS B 63 -13.61 18.85 3.26
N GLN B 64 -12.61 19.12 2.41
CA GLN B 64 -11.64 18.09 2.00
C GLN B 64 -10.49 18.00 2.94
N MET B 65 -10.00 19.16 3.38
CA MET B 65 -8.79 19.24 4.16
C MET B 65 -8.95 18.56 5.54
N ARG B 66 -10.15 18.56 6.10
CA ARG B 66 -10.33 18.00 7.41
C ARG B 66 -9.87 16.51 7.54
N PHE B 67 -9.91 15.78 6.44
CA PHE B 67 -9.54 14.36 6.40
C PHE B 67 -8.06 14.10 6.09
N MET B 68 -7.28 15.15 5.84
CA MET B 68 -5.96 15.02 5.22
C MET B 68 -4.83 15.37 6.15
N GLY B 69 -3.77 14.57 6.11
CA GLY B 69 -2.45 15.06 6.49
C GLY B 69 -1.82 15.69 5.25
N ASP B 70 -0.58 16.12 5.42
CA ASP B 70 0.08 16.80 4.33
C ASP B 70 0.37 15.88 3.13
N ALA B 71 0.59 14.60 3.35
CA ALA B 71 0.79 13.68 2.23
C ALA B 71 -0.41 13.69 1.28
N ALA B 72 -1.62 13.55 1.83
CA ALA B 72 -2.83 13.62 1.03
C ALA B 72 -3.00 14.97 0.41
N ALA B 73 -2.68 16.04 1.16
CA ALA B 73 -2.88 17.40 0.66
C ALA B 73 -1.98 17.69 -0.54
N TYR B 74 -0.70 17.36 -0.44
CA TYR B 74 0.20 17.56 -1.58
C TYR B 74 -0.22 16.74 -2.78
N ALA B 75 -0.65 15.49 -2.56
CA ALA B 75 -1.12 14.66 -3.65
C ALA B 75 -2.39 15.22 -4.28
N TYR B 76 -3.30 15.75 -3.45
CA TYR B 76 -4.54 16.35 -3.94
C TYR B 76 -4.26 17.53 -4.90
N LEU B 77 -3.40 18.43 -4.49
CA LEU B 77 -3.01 19.53 -5.35
C LEU B 77 -2.32 19.05 -6.65
N SER B 78 -1.54 18.02 -6.53
CA SER B 78 -0.94 17.41 -7.74
C SER B 78 -1.96 16.81 -8.67
N LEU B 79 -2.98 16.18 -8.11
CA LEU B 79 -4.03 15.60 -8.93
C LEU B 79 -4.84 16.67 -9.64
N GLU B 80 -5.12 17.79 -8.97
CA GLU B 80 -5.78 18.89 -9.62
C GLU B 80 -4.98 19.39 -10.83
N GLN B 81 -3.66 19.52 -10.66
CA GLN B 81 -2.80 19.92 -11.77
C GLN B 81 -2.83 18.93 -12.92
N ALA B 82 -2.75 17.65 -12.58
CA ALA B 82 -2.64 16.63 -13.63
C ALA B 82 -3.93 16.50 -14.45
N ILE B 83 -5.09 16.61 -13.77
CA ILE B 83 -6.37 16.62 -14.39
C ILE B 83 -6.49 17.81 -15.37
N ALA B 84 -6.05 19.00 -14.96
CA ALA B 84 -6.07 20.16 -15.86
C ALA B 84 -5.14 19.96 -17.04
N ASP B 85 -3.97 19.41 -16.79
CA ASP B 85 -2.97 19.18 -17.82
C ASP B 85 -3.53 18.20 -18.83
N ALA B 86 -4.26 17.21 -18.37
CA ALA B 86 -4.83 16.22 -19.26
C ALA B 86 -6.12 16.66 -19.96
N GLY B 87 -6.67 17.79 -19.57
CA GLY B 87 -7.86 18.35 -20.20
C GLY B 87 -9.13 17.62 -19.87
N LEU B 88 -9.16 16.93 -18.72
CA LEU B 88 -10.33 16.14 -18.31
C LEU B 88 -11.40 16.95 -17.53
N THR B 89 -12.66 16.74 -17.89
CA THR B 89 -13.81 17.29 -17.15
C THR B 89 -14.20 16.34 -16.00
N PRO B 90 -15.02 16.82 -15.05
CA PRO B 90 -15.59 15.85 -14.05
C PRO B 90 -16.24 14.55 -14.63
N GLU B 91 -16.74 14.52 -15.84
CA GLU B 91 -17.21 13.26 -16.49
C GLU B 91 -16.25 12.08 -16.79
N GLN B 92 -15.01 12.41 -17.11
CA GLN B 92 -13.98 11.41 -17.36
C GLN B 92 -13.29 11.11 -16.05
N VAL B 93 -13.28 12.11 -15.16
CA VAL B 93 -12.61 11.95 -13.88
C VAL B 93 -13.43 10.97 -13.03
N SER B 94 -14.77 11.08 -13.08
CA SER B 94 -15.70 10.25 -12.32
C SER B 94 -16.42 9.30 -13.26
N ASN B 95 -15.91 8.08 -13.33
CA ASN B 95 -16.25 7.15 -14.37
C ASN B 95 -15.87 5.74 -13.86
N ASP B 96 -16.66 4.74 -14.19
CA ASP B 96 -16.32 3.35 -13.76
C ASP B 96 -14.96 2.89 -14.28
N ARG B 97 -14.51 3.42 -15.41
CA ARG B 97 -13.23 3.02 -16.04
C ARG B 97 -12.03 3.87 -15.66
N THR B 98 -12.23 4.81 -14.70
CA THR B 98 -11.18 5.70 -14.22
C THR B 98 -10.90 5.45 -12.75
N GLY B 99 -9.65 5.22 -12.44
CA GLY B 99 -9.29 4.84 -11.05
C GLY B 99 -8.12 5.60 -10.51
N ILE B 100 -7.74 5.23 -9.29
CA ILE B 100 -6.61 5.87 -8.59
C ILE B 100 -5.78 4.81 -7.86
N VAL B 101 -4.46 4.89 -8.07
CA VAL B 101 -3.49 4.11 -7.33
C VAL B 101 -2.40 5.09 -6.85
N ALA B 102 -2.42 5.40 -5.55
CA ALA B 102 -1.55 6.44 -5.01
C ALA B 102 -1.34 6.21 -3.55
N GLY B 103 -0.09 6.30 -3.11
CA GLY B 103 0.27 6.00 -1.74
C GLY B 103 1.34 6.89 -1.11
N SER B 104 1.79 6.47 0.07
CA SER B 104 2.80 7.20 0.83
C SER B 104 3.69 6.15 1.53
N GLY B 105 4.94 6.53 1.77
CA GLY B 105 5.92 5.70 2.48
C GLY B 105 5.56 5.59 3.95
N GLY B 106 5.19 6.73 4.54
CA GLY B 106 4.63 6.81 5.88
C GLY B 106 3.16 7.05 5.62
N ALA B 107 2.53 7.84 6.47
CA ALA B 107 1.12 8.25 6.31
C ALA B 107 1.01 9.62 6.97
N SER B 108 0.67 9.73 8.27
CA SER B 108 0.77 11.01 8.98
C SER B 108 1.26 10.81 10.42
N SER B 109 2.58 10.70 10.52
CA SER B 109 3.25 10.72 11.82
C SER B 109 2.83 11.97 12.66
N GLU B 110 2.65 13.12 12.00
CA GLU B 110 2.27 14.34 12.65
C GLU B 110 0.93 14.23 13.33
N ASN B 111 -0.06 13.70 12.63
CA ASN B 111 -1.38 13.56 13.23
C ASN B 111 -1.42 12.50 14.28
N GLN B 112 -0.56 11.49 14.17
CA GLN B 112 -0.44 10.52 15.28
C GLN B 112 0.03 11.16 16.57
N VAL B 113 1.07 11.98 16.45
CA VAL B 113 1.57 12.75 17.58
C VAL B 113 0.50 13.64 18.20
N ILE B 114 -0.19 14.40 17.35
CA ILE B 114 -1.26 15.32 17.81
C ILE B 114 -2.40 14.57 18.54
N ALA B 115 -2.85 13.46 17.95
CA ALA B 115 -3.96 12.70 18.51
C ALA B 115 -3.57 12.12 19.87
N VAL B 116 -2.39 11.51 19.95
CA VAL B 116 -1.90 10.98 21.23
C VAL B 116 -1.69 12.06 22.32
N ASP B 117 -1.03 13.17 21.97
CA ASP B 117 -0.87 14.30 22.92
C ASP B 117 -2.24 14.82 23.42
N THR B 118 -3.18 15.01 22.50
CA THR B 118 -4.55 15.47 22.84
C THR B 118 -5.25 14.47 23.76
N GLN B 119 -5.22 13.20 23.37
CA GLN B 119 -5.87 12.19 24.18
C GLN B 119 -5.30 12.10 25.60
N ARG B 120 -3.98 12.18 25.75
CA ARG B 120 -3.36 12.07 27.07
C ARG B 120 -3.72 13.24 28.02
N GLU B 121 -3.81 14.43 27.45
CA GLU B 121 -4.06 15.66 28.17
C GLU B 121 -5.56 15.85 28.39
N LYS B 122 -6.37 15.64 27.35
CA LYS B 122 -7.78 16.07 27.33
C LYS B 122 -8.84 14.98 27.23
N GLY B 123 -8.43 13.74 26.98
CA GLY B 123 -9.36 12.65 26.79
C GLY B 123 -9.72 12.34 25.34
N VAL B 124 -10.20 11.11 25.14
CA VAL B 124 -10.56 10.63 23.79
C VAL B 124 -11.64 11.49 23.10
N LYS B 125 -12.59 12.00 23.87
CA LYS B 125 -13.68 12.79 23.29
C LYS B 125 -13.27 14.13 22.70
N ARG B 126 -12.10 14.61 23.05
CA ARG B 126 -11.61 15.85 22.49
C ARG B 126 -10.63 15.62 21.34
N VAL B 127 -10.35 14.38 20.99
CA VAL B 127 -9.52 14.08 19.81
C VAL B 127 -10.20 14.43 18.47
N GLY B 128 -11.51 14.26 18.42
CA GLY B 128 -12.24 14.60 17.19
C GLY B 128 -12.25 13.46 16.16
N PRO B 129 -13.03 13.61 15.11
CA PRO B 129 -13.43 12.43 14.37
C PRO B 129 -12.67 12.19 13.08
N TYR B 130 -11.57 12.88 12.85
CA TYR B 130 -10.92 12.84 11.53
C TYR B 130 -9.60 12.15 11.50
N MET B 131 -9.16 11.56 12.61
CA MET B 131 -7.81 11.05 12.69
C MET B 131 -7.51 9.76 11.90
N VAL B 132 -8.50 8.89 11.75
CA VAL B 132 -8.24 7.64 10.98
C VAL B 132 -7.90 7.87 9.50
N PRO B 133 -8.70 8.68 8.77
CA PRO B 133 -8.30 8.96 7.39
C PRO B 133 -6.97 9.70 7.23
N ARG B 134 -6.60 10.50 8.22
CA ARG B 134 -5.31 11.19 8.18
C ARG B 134 -4.14 10.25 8.33
N THR B 135 -4.31 9.25 9.19
CA THR B 135 -3.18 8.43 9.64
C THR B 135 -3.10 7.04 9.02
N MET B 136 -4.18 6.57 8.42
CA MET B 136 -4.20 5.23 7.86
C MET B 136 -3.28 5.15 6.64
N SER B 137 -2.76 3.98 6.36
CA SER B 137 -1.78 3.80 5.25
C SER B 137 -2.32 4.11 3.84
N SER B 138 -3.64 4.06 3.67
CA SER B 138 -4.30 4.42 2.42
C SER B 138 -4.75 5.89 2.37
N THR B 139 -4.26 6.74 3.26
CA THR B 139 -4.72 8.12 3.31
C THR B 139 -4.71 8.83 1.93
N VAL B 140 -3.66 8.65 1.14
CA VAL B 140 -3.56 9.36 -0.12
C VAL B 140 -4.65 8.96 -1.09
N SER B 141 -4.92 7.67 -1.26
CA SER B 141 -5.94 7.24 -2.18
C SER B 141 -7.31 7.62 -1.67
N ALA B 142 -7.55 7.36 -0.40
CA ALA B 142 -8.85 7.60 0.18
C ALA B 142 -9.27 9.09 0.16
N CYS B 143 -8.35 9.98 0.55
CA CYS B 143 -8.65 11.40 0.61
C CYS B 143 -8.82 12.03 -0.75
N LEU B 144 -8.28 11.42 -1.79
CA LEU B 144 -8.49 11.91 -3.16
C LEU B 144 -9.75 11.27 -3.80
N ALA B 145 -9.93 9.96 -3.63
CA ALA B 145 -11.01 9.25 -4.30
C ALA B 145 -12.37 9.82 -3.98
N THR B 146 -12.58 10.19 -2.72
CA THR B 146 -13.86 10.71 -2.30
C THR B 146 -14.24 12.05 -2.93
N PRO B 147 -13.44 13.11 -2.76
CA PRO B 147 -13.87 14.39 -3.40
C PRO B 147 -13.83 14.42 -4.92
N PHE B 148 -12.92 13.70 -5.56
CA PHE B 148 -12.92 13.63 -7.03
C PHE B 148 -13.95 12.64 -7.59
N LYS B 149 -14.68 11.95 -6.70
CA LYS B 149 -15.76 11.03 -7.08
C LYS B 149 -15.23 9.88 -7.97
N ILE B 150 -14.12 9.31 -7.57
CA ILE B 150 -13.48 8.22 -8.32
C ILE B 150 -14.31 6.97 -8.11
N ARG B 151 -14.62 6.29 -9.21
CA ARG B 151 -15.50 5.13 -9.22
C ARG B 151 -14.82 3.80 -9.59
N GLY B 152 -13.63 3.86 -10.18
CA GLY B 152 -12.86 2.67 -10.59
C GLY B 152 -12.05 2.10 -9.43
N VAL B 153 -10.86 1.61 -9.70
CA VAL B 153 -10.04 1.10 -8.60
C VAL B 153 -9.61 2.26 -7.70
N ASN B 154 -9.37 1.94 -6.45
CA ASN B 154 -9.00 2.92 -5.44
C ASN B 154 -8.24 2.22 -4.32
N TYR B 155 -6.91 2.34 -4.33
CA TYR B 155 -6.10 1.84 -3.26
C TYR B 155 -4.73 2.50 -3.32
N SER B 156 -3.94 2.24 -2.29
CA SER B 156 -2.59 2.74 -2.18
C SER B 156 -1.63 1.58 -2.27
N ILE B 157 -0.51 1.78 -2.95
CA ILE B 157 0.60 0.90 -2.85
C ILE B 157 1.65 1.58 -1.99
N SER B 158 2.35 0.81 -1.15
CA SER B 158 3.48 1.24 -0.31
CA SER B 158 3.50 1.30 -0.39
C SER B 158 4.69 0.34 -0.51
N SER B 159 5.86 0.92 -0.61
CA SER B 159 7.09 0.18 -0.69
C SER B 159 8.27 1.11 -0.39
N ALA B 160 8.12 1.90 0.67
CA ALA B 160 9.13 2.86 1.10
C ALA B 160 9.51 3.80 -0.05
N CYS B 161 10.79 3.93 -0.36
CA CYS B 161 11.25 4.84 -1.39
C CYS B 161 10.77 4.48 -2.82
N ALA B 162 10.29 3.24 -3.03
CA ALA B 162 9.76 2.82 -4.30
C ALA B 162 8.27 3.08 -4.48
N THR B 163 7.60 3.53 -3.42
CA THR B 163 6.14 3.61 -3.32
C THR B 163 5.42 4.09 -4.60
N SER B 164 5.73 5.31 -5.05
CA SER B 164 4.99 5.91 -6.14
C SER B 164 5.41 5.37 -7.51
N ALA B 165 6.56 4.70 -7.58
CA ALA B 165 6.97 4.03 -8.80
C ALA B 165 6.15 2.75 -9.01
N HIS B 166 5.92 1.99 -7.94
CA HIS B 166 5.03 0.85 -8.02
C HIS B 166 3.58 1.25 -8.28
N CYS B 167 3.18 2.38 -7.74
CA CYS B 167 1.84 2.91 -8.01
C CYS B 167 1.68 3.12 -9.52
N ILE B 168 2.68 3.72 -10.16
CA ILE B 168 2.61 3.92 -11.61
C ILE B 168 2.60 2.62 -12.37
N GLY B 169 3.46 1.71 -11.97
CA GLY B 169 3.56 0.41 -12.61
C GLY B 169 2.27 -0.37 -12.53
N ASN B 170 1.67 -0.38 -11.36
CA ASN B 170 0.38 -1.04 -11.14
C ASN B 170 -0.74 -0.43 -12.04
N ALA B 171 -0.75 0.90 -12.18
CA ALA B 171 -1.67 1.58 -13.08
C ALA B 171 -1.53 1.08 -14.52
N VAL B 172 -0.29 0.96 -14.97
CA VAL B 172 0.01 0.41 -16.27
C VAL B 172 -0.57 -0.99 -16.39
N GLU B 173 -0.36 -1.81 -15.37
CA GLU B 173 -0.90 -3.17 -15.37
C GLU B 173 -2.44 -3.27 -15.43
N LEU B 174 -3.11 -2.39 -14.70
CA LEU B 174 -4.56 -2.32 -14.73
C LEU B 174 -5.07 -2.00 -16.14
N ILE B 175 -4.37 -1.08 -16.80
CA ILE B 175 -4.70 -0.74 -18.15
C ILE B 175 -4.42 -1.91 -19.10
N GLN B 176 -3.30 -2.58 -18.92
CA GLN B 176 -2.95 -3.72 -19.79
C GLN B 176 -3.93 -4.86 -19.61
N LEU B 177 -4.47 -5.03 -18.41
CA LEU B 177 -5.47 -6.05 -18.18
C LEU B 177 -6.85 -5.67 -18.74
N GLY B 178 -7.00 -4.45 -19.22
CA GLY B 178 -8.29 -4.03 -19.76
C GLY B 178 -9.27 -3.56 -18.73
N LYS B 179 -8.85 -3.40 -17.49
CA LYS B 179 -9.77 -3.04 -16.39
C LYS B 179 -10.10 -1.57 -16.29
N GLN B 180 -9.21 -0.70 -16.75
CA GLN B 180 -9.38 0.73 -16.59
C GLN B 180 -8.84 1.35 -17.88
N ASP B 181 -9.38 2.50 -18.23
CA ASP B 181 -8.86 3.27 -19.35
C ASP B 181 -7.96 4.40 -18.89
N ILE B 182 -8.22 4.94 -17.71
CA ILE B 182 -7.39 5.98 -17.10
C ILE B 182 -7.16 5.62 -15.62
N VAL B 183 -5.92 5.77 -15.17
CA VAL B 183 -5.62 5.60 -13.75
C VAL B 183 -4.78 6.77 -13.34
N PHE B 184 -5.20 7.44 -12.28
CA PHE B 184 -4.41 8.49 -11.70
C PHE B 184 -3.43 7.84 -10.76
N ALA B 185 -2.13 8.06 -10.97
CA ALA B 185 -1.12 7.37 -10.17
C ALA B 185 -0.07 8.30 -9.63
N GLY B 186 0.31 8.05 -8.41
CA GLY B 186 1.32 8.83 -7.81
C GLY B 186 1.48 8.59 -6.35
N GLY B 187 1.73 9.66 -5.61
CA GLY B 187 1.97 9.56 -4.18
C GLY B 187 2.22 10.86 -3.51
N GLY B 188 2.32 10.81 -2.18
CA GLY B 188 2.57 11.98 -1.38
C GLY B 188 3.39 11.62 -0.14
N GLU B 189 4.00 12.61 0.46
CA GLU B 189 4.75 12.44 1.70
C GLU B 189 4.75 13.75 2.47
N GLU B 190 4.38 13.67 3.77
CA GLU B 190 4.48 14.80 4.66
C GLU B 190 5.95 14.94 5.09
N LEU B 191 6.29 16.13 5.52
CA LEU B 191 7.65 16.40 6.01
C LEU B 191 7.50 16.96 7.41
N TYR B 192 7.91 16.18 8.40
CA TYR B 192 7.64 16.49 9.79
C TYR B 192 8.72 15.83 10.67
N TRP B 193 9.03 16.49 11.78
CA TRP B 193 10.16 16.10 12.62
C TRP B 193 10.05 14.62 13.11
N SER B 194 8.85 14.13 13.40
CA SER B 194 8.72 12.83 14.04
C SER B 194 9.10 11.68 13.10
N GLN B 195 8.74 11.81 11.84
CA GLN B 195 9.17 10.88 10.81
C GLN B 195 10.69 10.99 10.54
N THR B 196 11.16 12.23 10.35
CA THR B 196 12.54 12.48 10.08
C THR B 196 13.45 11.91 11.17
N MET B 197 13.03 12.11 12.41
CA MET B 197 13.73 11.67 13.60
C MET B 197 14.08 10.17 13.53
N MET B 198 13.18 9.36 13.01
CA MET B 198 13.41 7.93 12.92
C MET B 198 14.51 7.56 11.92
N PHE B 199 14.61 8.34 10.84
CA PHE B 199 15.76 8.22 9.92
C PHE B 199 17.08 8.72 10.51
N ASP B 200 17.00 9.84 11.24
CA ASP B 200 18.15 10.42 11.94
C ASP B 200 18.64 9.44 13.01
N ALA B 201 17.70 8.79 13.69
CA ALA B 201 18.07 7.78 14.67
C ALA B 201 18.85 6.62 14.09
N MET B 202 18.63 6.28 12.83
CA MET B 202 19.39 5.19 12.19
C MET B 202 20.61 5.68 11.46
N GLY B 203 20.93 6.96 11.53
CA GLY B 203 22.13 7.49 10.87
C GLY B 203 22.02 7.67 9.37
N ALA B 204 20.82 7.69 8.79
CA ALA B 204 20.67 7.75 7.32
C ALA B 204 20.81 9.16 6.69
N LEU B 205 20.68 10.21 7.51
CA LEU B 205 20.56 11.57 7.00
C LEU B 205 21.89 12.34 7.02
N SER B 206 22.03 13.27 6.09
CA SER B 206 23.18 14.17 6.03
C SER B 206 23.22 15.08 7.27
N THR B 207 24.34 15.11 7.95
CA THR B 207 24.53 15.96 9.13
C THR B 207 25.71 16.94 9.07
N LYS B 208 26.64 16.77 8.11
CA LYS B 208 27.88 17.54 8.08
C LYS B 208 27.77 18.86 7.31
N TYR B 209 26.64 19.08 6.65
CA TYR B 209 26.52 20.27 5.81
C TYR B 209 25.40 21.20 6.24
N ASN B 210 25.07 21.23 7.54
CA ASN B 210 23.96 22.03 8.03
C ASN B 210 24.15 23.54 7.84
N GLU B 211 25.40 23.96 7.86
CA GLU B 211 25.82 25.31 7.54
C GLU B 211 25.65 25.76 6.10
N THR B 212 25.65 24.81 5.17
CA THR B 212 25.57 25.08 3.72
C THR B 212 24.54 24.14 3.14
N PRO B 213 23.23 24.38 3.39
CA PRO B 213 22.20 23.36 3.07
C PRO B 213 22.18 22.90 1.60
N GLU B 214 22.41 23.81 0.67
CA GLU B 214 22.39 23.46 -0.74
C GLU B 214 23.51 22.50 -1.16
N LYS B 215 24.54 22.35 -0.34
CA LYS B 215 25.62 21.39 -0.58
C LYS B 215 25.46 20.01 0.05
N ALA B 216 24.42 19.82 0.87
CA ALA B 216 24.28 18.60 1.67
C ALA B 216 23.99 17.35 0.85
N SER B 217 23.14 17.50 -0.17
CA SER B 217 22.78 16.36 -1.00
C SER B 217 23.76 16.39 -2.19
N ARG B 218 24.52 15.32 -2.36
CA ARG B 218 25.71 15.35 -3.22
C ARG B 218 26.04 13.94 -3.71
N THR B 219 25.05 13.34 -4.36
CA THR B 219 25.15 11.99 -4.87
C THR B 219 26.41 11.84 -5.72
N TYR B 220 27.14 10.77 -5.46
CA TYR B 220 28.41 10.39 -6.15
C TYR B 220 29.63 11.17 -5.73
N ASP B 221 29.46 12.18 -4.86
CA ASP B 221 30.61 12.91 -4.37
C ASP B 221 31.31 12.06 -3.31
N ALA B 222 32.66 12.13 -3.26
CA ALA B 222 33.45 11.37 -2.28
C ALA B 222 33.12 11.68 -0.83
N ASP B 223 32.64 12.90 -0.54
CA ASP B 223 32.30 13.33 0.83
C ASP B 223 30.82 13.35 1.15
N ARG B 224 30.03 12.59 0.41
CA ARG B 224 28.62 12.39 0.74
C ARG B 224 28.45 11.72 2.11
N ASP B 225 27.37 12.05 2.81
CA ASP B 225 27.19 11.56 4.19
C ASP B 225 25.74 11.27 4.56
N GLY B 226 24.93 10.82 3.61
CA GLY B 226 23.53 10.48 3.85
C GLY B 226 22.60 11.36 3.07
N PHE B 227 21.33 11.00 3.08
CA PHE B 227 20.38 11.74 2.32
C PHE B 227 19.81 12.98 3.01
N VAL B 228 19.21 13.84 2.20
CA VAL B 228 18.47 14.97 2.71
C VAL B 228 16.99 14.65 2.51
N ILE B 229 16.25 14.69 3.59
CA ILE B 229 14.83 14.30 3.53
C ILE B 229 13.99 15.37 2.86
N SER B 230 12.99 14.94 2.13
CA SER B 230 12.04 15.84 1.49
C SER B 230 10.64 15.22 1.51
N GLY B 231 9.77 15.69 0.63
CA GLY B 231 8.41 15.15 0.57
C GLY B 231 7.70 15.81 -0.60
N GLY B 232 6.40 15.85 -0.53
CA GLY B 232 5.61 16.53 -1.53
C GLY B 232 4.59 15.62 -2.12
N GLY B 233 4.19 15.89 -3.36
CA GLY B 233 3.24 15.09 -4.05
C GLY B 233 3.55 15.05 -5.54
N GLY B 234 3.03 14.02 -6.19
CA GLY B 234 3.05 13.94 -7.63
C GLY B 234 1.95 13.04 -8.11
N MET B 235 1.40 13.38 -9.25
CA MET B 235 0.41 12.54 -9.90
C MET B 235 0.64 12.59 -11.41
N VAL B 236 0.45 11.45 -12.06
CA VAL B 236 0.38 11.35 -13.51
C VAL B 236 -0.92 10.73 -13.96
N VAL B 237 -1.43 11.14 -15.12
CA VAL B 237 -2.61 10.53 -15.71
C VAL B 237 -2.07 9.47 -16.69
N VAL B 238 -2.27 8.21 -16.34
CA VAL B 238 -1.84 7.05 -17.09
C VAL B 238 -3.09 6.59 -17.88
N GLU B 239 -2.95 6.48 -19.20
CA GLU B 239 -4.10 6.32 -20.07
C GLU B 239 -3.81 5.31 -21.17
N GLU B 240 -4.79 4.56 -21.55
CA GLU B 240 -4.69 3.65 -22.66
C GLU B 240 -4.50 4.45 -23.97
N LEU B 241 -3.57 3.99 -24.80
CA LEU B 241 -3.12 4.76 -25.97
C LEU B 241 -4.27 5.10 -26.93
N GLU B 242 -5.10 4.12 -27.28
CA GLU B 242 -6.20 4.39 -28.23
C GLU B 242 -7.22 5.37 -27.68
N HIS B 243 -7.48 5.27 -26.40
CA HIS B 243 -8.36 6.24 -25.69
C HIS B 243 -7.77 7.67 -25.76
N ALA B 244 -6.47 7.78 -25.52
CA ALA B 244 -5.76 9.06 -25.59
C ALA B 244 -5.86 9.66 -27.00
N LEU B 245 -5.57 8.82 -27.98
CA LEU B 245 -5.59 9.27 -29.39
C LEU B 245 -6.98 9.63 -29.86
N ALA B 246 -7.97 8.86 -29.43
CA ALA B 246 -9.32 9.14 -29.88
C ALA B 246 -9.80 10.53 -29.39
N ARG B 247 -9.33 10.99 -28.24
CA ARG B 247 -9.78 12.30 -27.73
C ARG B 247 -8.81 13.42 -28.09
N GLY B 248 -7.78 13.12 -28.88
CA GLY B 248 -6.78 14.10 -29.27
C GLY B 248 -5.80 14.52 -28.16
N ALA B 249 -5.61 13.67 -27.14
CA ALA B 249 -4.78 13.99 -25.97
C ALA B 249 -3.36 14.36 -26.36
N LYS B 250 -2.78 15.33 -25.65
CA LYS B 250 -1.35 15.55 -25.69
C LYS B 250 -0.67 14.39 -24.93
N ILE B 251 0.31 13.78 -25.54
CA ILE B 251 1.00 12.64 -24.97
C ILE B 251 2.45 13.00 -24.65
N TYR B 252 2.83 12.88 -23.38
CA TYR B 252 4.20 13.16 -22.95
C TYR B 252 5.18 12.01 -23.19
N GLY B 253 4.66 10.80 -23.19
CA GLY B 253 5.45 9.64 -23.44
C GLY B 253 4.68 8.38 -23.20
N GLU B 254 5.28 7.28 -23.65
CA GLU B 254 4.72 5.98 -23.50
C GLU B 254 5.52 5.23 -22.44
N ILE B 255 4.81 4.60 -21.50
CA ILE B 255 5.48 3.73 -20.52
C ILE B 255 5.65 2.39 -21.19
N VAL B 256 6.86 2.08 -21.59
CA VAL B 256 7.14 0.87 -22.33
C VAL B 256 7.69 -0.24 -21.44
N GLY B 257 8.00 0.10 -20.19
CA GLY B 257 8.68 -0.84 -19.29
C GLY B 257 8.42 -0.55 -17.85
N TYR B 258 8.17 -1.61 -17.07
CA TYR B 258 7.98 -1.56 -15.65
C TYR B 258 8.60 -2.79 -15.05
N GLY B 259 9.59 -2.61 -14.20
CA GLY B 259 10.22 -3.71 -13.47
C GLY B 259 9.88 -3.59 -11.99
N ALA B 260 9.62 -4.72 -11.35
CA ALA B 260 9.44 -4.80 -9.89
C ALA B 260 10.05 -6.09 -9.37
N THR B 261 11.06 -5.99 -8.52
CA THR B 261 11.76 -7.16 -8.03
C THR B 261 12.09 -6.94 -6.55
N SER B 262 12.72 -7.95 -5.96
CA SER B 262 13.11 -7.91 -4.58
C SER B 262 14.51 -8.48 -4.39
N ASP B 263 15.29 -7.88 -3.49
CA ASP B 263 16.65 -8.38 -3.24
C ASP B 263 16.67 -9.70 -2.46
N GLY B 264 15.79 -9.82 -1.47
CA GLY B 264 15.88 -10.93 -0.52
C GLY B 264 17.17 -10.99 0.29
N TYR B 265 17.69 -9.83 0.72
CA TYR B 265 19.06 -9.75 1.20
C TYR B 265 19.18 -8.97 2.52
N ASP B 266 19.05 -7.66 2.49
CA ASP B 266 19.19 -6.85 3.69
C ASP B 266 18.05 -5.84 3.79
N MET B 267 17.63 -5.58 5.01
CA MET B 267 16.52 -4.66 5.25
C MET B 267 16.83 -3.22 4.85
N VAL B 268 18.08 -2.80 4.99
CA VAL B 268 18.42 -1.40 4.73
C VAL B 268 19.37 -1.17 3.55
N ALA B 269 20.31 -2.06 3.30
CA ALA B 269 21.28 -1.87 2.22
C ALA B 269 20.80 -2.61 0.98
N PRO B 270 20.94 -2.00 -0.20
CA PRO B 270 20.64 -2.73 -1.45
C PRO B 270 21.69 -3.81 -1.77
N SER B 271 21.25 -4.91 -2.38
CA SER B 271 22.17 -5.98 -2.79
C SER B 271 22.90 -5.69 -4.09
N GLY B 272 22.35 -4.82 -4.95
CA GLY B 272 22.85 -4.72 -6.34
C GLY B 272 22.24 -5.73 -7.32
N GLU B 273 22.10 -6.97 -6.88
CA GLU B 273 21.63 -8.06 -7.71
C GLU B 273 20.13 -7.86 -8.08
N GLY B 274 19.33 -7.42 -7.13
CA GLY B 274 17.92 -7.15 -7.40
C GLY B 274 17.66 -6.04 -8.42
N ALA B 275 18.46 -5.00 -8.33
CA ALA B 275 18.39 -3.87 -9.23
C ALA B 275 18.74 -4.27 -10.67
N ILE B 276 19.71 -5.16 -10.85
CA ILE B 276 20.01 -5.76 -12.16
C ILE B 276 18.78 -6.38 -12.79
N ARG B 277 18.11 -7.24 -12.02
CA ARG B 277 16.91 -7.90 -12.52
C ARG B 277 15.81 -6.92 -12.82
N CYS B 278 15.72 -5.89 -11.99
CA CYS B 278 14.64 -4.91 -12.12
C CYS B 278 14.81 -4.09 -13.38
N MET B 279 16.01 -3.56 -13.58
CA MET B 279 16.32 -2.84 -14.81
C MET B 279 16.02 -3.68 -16.04
N LYS B 280 16.54 -4.89 -16.06
CA LYS B 280 16.31 -5.75 -17.22
C LYS B 280 14.83 -6.05 -17.48
N MET B 281 14.06 -6.33 -16.42
CA MET B 281 12.63 -6.58 -16.54
CA MET B 281 12.62 -6.56 -16.56
C MET B 281 11.92 -5.36 -17.18
N ALA B 282 12.37 -4.15 -16.84
CA ALA B 282 11.81 -2.94 -17.45
C ALA B 282 12.30 -2.69 -18.87
N MET B 283 13.39 -3.29 -19.26
CA MET B 283 13.89 -3.06 -20.60
C MET B 283 13.08 -3.96 -21.56
N GLN B 284 11.79 -3.65 -21.77
CA GLN B 284 10.86 -4.44 -22.63
C GLN B 284 11.24 -4.17 -24.07
N GLY B 285 12.29 -4.84 -24.51
CA GLY B 285 12.73 -4.79 -25.90
C GLY B 285 13.28 -3.49 -26.46
N VAL B 286 13.52 -2.48 -25.61
CA VAL B 286 13.89 -1.11 -26.08
C VAL B 286 15.23 -1.13 -26.88
N ASP B 287 15.35 -0.31 -27.92
CA ASP B 287 16.59 -0.18 -28.69
C ASP B 287 17.76 0.26 -27.83
N LYS B 288 17.59 1.37 -27.08
CA LYS B 288 18.69 1.97 -26.33
C LYS B 288 18.13 2.83 -25.24
N ILE B 289 18.63 2.69 -24.04
CA ILE B 289 18.30 3.66 -22.98
C ILE B 289 19.22 4.86 -23.18
N ASP B 290 18.66 6.05 -23.30
CA ASP B 290 19.48 7.27 -23.48
C ASP B 290 19.95 7.91 -22.16
N TYR B 291 19.18 7.73 -21.11
CA TYR B 291 19.40 8.45 -19.89
C TYR B 291 18.78 7.68 -18.74
N ILE B 292 19.52 7.58 -17.63
CA ILE B 292 19.03 6.99 -16.40
C ILE B 292 19.01 8.04 -15.29
N ASN B 293 17.81 8.25 -14.71
CA ASN B 293 17.64 9.01 -13.48
C ASN B 293 17.75 8.02 -12.35
N THR B 294 18.88 8.04 -11.65
CA THR B 294 19.22 7.00 -10.69
C THR B 294 18.48 7.24 -9.38
N HIS B 295 18.33 6.19 -8.60
CA HIS B 295 17.78 6.30 -7.24
C HIS B 295 18.65 7.24 -6.40
N GLY B 296 19.97 7.02 -6.45
CA GLY B 296 21.00 8.02 -6.07
C GLY B 296 20.69 8.96 -4.90
N THR B 297 20.67 8.43 -3.68
CA THR B 297 20.18 9.23 -2.55
C THR B 297 21.26 10.08 -1.87
N SER B 298 22.53 9.90 -2.23
CA SER B 298 23.67 10.54 -1.53
C SER B 298 24.13 9.76 -0.28
N THR B 299 24.01 8.43 -0.33
CA THR B 299 24.55 7.56 0.72
C THR B 299 25.83 6.86 0.25
N PRO B 300 26.77 6.53 1.17
CA PRO B 300 28.03 5.87 0.76
C PRO B 300 27.82 4.52 0.03
N VAL B 301 27.10 3.59 0.64
CA VAL B 301 26.88 2.25 0.04
C VAL B 301 25.93 2.29 -1.15
N GLY B 302 24.75 2.88 -0.95
CA GLY B 302 23.68 2.90 -1.94
C GLY B 302 24.11 3.38 -3.34
N ASP B 303 24.80 4.52 -3.38
CA ASP B 303 25.23 5.12 -4.65
C ASP B 303 26.08 4.11 -5.46
N VAL B 304 26.97 3.42 -4.76
CA VAL B 304 27.91 2.48 -5.39
C VAL B 304 27.25 1.21 -5.90
N LYS B 305 26.33 0.64 -5.12
CA LYS B 305 25.65 -0.59 -5.56
C LYS B 305 24.87 -0.36 -6.83
N GLU B 306 24.20 0.78 -6.92
CA GLU B 306 23.42 1.07 -8.10
C GLU B 306 24.33 1.23 -9.34
N LEU B 307 25.44 1.95 -9.20
CA LEU B 307 26.41 2.09 -10.30
C LEU B 307 26.94 0.73 -10.79
N GLY B 308 27.26 -0.16 -9.86
CA GLY B 308 27.67 -1.53 -10.19
C GLY B 308 26.60 -2.31 -10.92
N ALA B 309 25.33 -2.16 -10.49
CA ALA B 309 24.23 -2.75 -11.22
C ALA B 309 24.17 -2.21 -12.64
N ILE B 310 24.26 -0.91 -12.79
CA ILE B 310 24.18 -0.29 -14.12
C ILE B 310 25.31 -0.88 -15.02
N GLN B 311 26.51 -1.00 -14.46
CA GLN B 311 27.63 -1.61 -15.21
C GLN B 311 27.39 -3.06 -15.63
N GLU B 312 26.75 -3.82 -14.76
CA GLU B 312 26.38 -5.20 -15.05
C GLU B 312 25.30 -5.26 -16.15
N VAL B 313 24.33 -4.38 -16.11
CA VAL B 313 23.28 -4.39 -17.13
C VAL B 313 23.82 -3.93 -18.49
N PHE B 314 24.52 -2.81 -18.52
CA PHE B 314 24.88 -2.13 -19.79
C PHE B 314 26.30 -2.43 -20.29
N GLY B 315 27.11 -3.15 -19.49
CA GLY B 315 28.53 -3.44 -19.84
C GLY B 315 29.30 -2.13 -20.00
N GLY B 316 30.05 -2.00 -21.09
CA GLY B 316 30.75 -0.75 -21.46
C GLY B 316 29.92 0.35 -22.09
N ASN B 317 28.73 0.03 -22.52
CA ASN B 317 27.92 0.98 -23.24
C ASN B 317 26.91 1.58 -22.31
N SER B 318 27.35 2.38 -21.32
CA SER B 318 26.44 3.08 -20.36
C SER B 318 25.66 4.27 -20.93
N PRO B 319 24.38 4.41 -20.55
CA PRO B 319 23.68 5.66 -20.82
C PRO B 319 24.25 6.81 -19.97
N ALA B 320 23.91 8.03 -20.34
CA ALA B 320 24.08 9.18 -19.50
C ALA B 320 23.33 8.99 -18.18
N ILE B 321 23.94 9.40 -17.08
CA ILE B 321 23.35 9.20 -15.73
C ILE B 321 23.30 10.51 -14.95
N SER B 322 22.19 10.80 -14.26
CA SER B 322 22.21 11.85 -13.27
C SER B 322 21.25 11.53 -12.13
N ALA B 323 21.59 12.07 -10.96
CA ALA B 323 20.75 11.90 -9.78
C ALA B 323 20.10 13.24 -9.42
N THR B 324 18.81 13.38 -9.71
CA THR B 324 18.15 14.61 -9.42
C THR B 324 18.00 14.85 -7.92
N LYS B 325 18.16 13.79 -7.11
CA LYS B 325 18.14 13.97 -5.65
C LYS B 325 19.18 14.92 -5.11
N ALA B 326 20.30 15.09 -5.79
CA ALA B 326 21.27 16.09 -5.37
C ALA B 326 20.67 17.51 -5.36
N MET B 327 19.70 17.79 -6.24
CA MET B 327 18.94 19.04 -6.21
C MET B 327 17.74 18.99 -5.22
N THR B 328 17.02 17.87 -5.20
CA THR B 328 15.68 17.85 -4.58
C THR B 328 15.61 17.32 -3.17
N GLY B 329 16.58 16.52 -2.77
CA GLY B 329 16.43 15.66 -1.62
C GLY B 329 15.58 14.45 -1.96
N HIS B 330 15.32 13.66 -0.95
CA HIS B 330 14.66 12.39 -1.08
C HIS B 330 13.23 12.50 -0.62
N ALA B 331 12.30 12.48 -1.57
CA ALA B 331 10.87 12.72 -1.31
C ALA B 331 10.08 11.47 -0.84
N LEU B 332 10.80 10.38 -0.56
CA LEU B 332 10.31 9.15 0.05
C LEU B 332 9.14 8.57 -0.74
N GLY B 333 7.92 8.57 -0.22
CA GLY B 333 6.80 8.04 -0.95
C GLY B 333 6.50 8.76 -2.26
N ALA B 334 6.86 10.04 -2.35
CA ALA B 334 6.64 10.79 -3.55
C ALA B 334 7.85 10.75 -4.51
N ALA B 335 8.94 10.10 -4.15
CA ALA B 335 10.15 10.15 -4.98
C ALA B 335 10.00 9.53 -6.37
N GLY B 336 9.27 8.39 -6.42
CA GLY B 336 9.08 7.69 -7.65
C GLY B 336 8.34 8.52 -8.70
N VAL B 337 7.22 9.09 -8.30
CA VAL B 337 6.43 9.91 -9.22
C VAL B 337 7.15 11.21 -9.51
N HIS B 338 7.77 11.85 -8.53
CA HIS B 338 8.56 13.03 -8.84
C HIS B 338 9.62 12.75 -9.94
N GLU B 339 10.33 11.65 -9.81
CA GLU B 339 11.42 11.35 -10.73
C GLU B 339 10.94 10.82 -12.07
N ALA B 340 9.76 10.20 -12.10
CA ALA B 340 9.12 9.89 -13.36
C ALA B 340 8.76 11.16 -14.11
N ILE B 341 8.24 12.13 -13.39
CA ILE B 341 7.90 13.44 -13.93
C ILE B 341 9.18 14.19 -14.41
N TYR B 342 10.23 14.24 -13.60
CA TYR B 342 11.49 14.88 -14.01
C TYR B 342 12.04 14.26 -15.26
N SER B 343 12.05 12.92 -15.30
CA SER B 343 12.55 12.18 -16.45
C SER B 343 11.69 12.40 -17.68
N THR B 344 10.37 12.41 -17.52
CA THR B 344 9.48 12.73 -18.61
C THR B 344 9.65 14.14 -19.17
N LEU B 345 9.89 15.11 -18.30
CA LEU B 345 10.15 16.48 -18.74
C LEU B 345 11.47 16.53 -19.57
N MET B 346 12.48 15.82 -19.11
CA MET B 346 13.73 15.71 -19.83
C MET B 346 13.48 15.07 -21.20
N LEU B 347 12.70 14.00 -21.25
CA LEU B 347 12.35 13.39 -22.51
C LEU B 347 11.59 14.34 -23.44
N HIS B 348 10.60 15.02 -22.89
CA HIS B 348 9.70 15.87 -23.66
C HIS B 348 10.36 17.14 -24.15
N HIS B 349 11.18 17.77 -23.33
CA HIS B 349 11.81 19.03 -23.67
C HIS B 349 13.22 18.86 -24.26
N GLY B 350 13.76 17.66 -24.27
CA GLY B 350 15.09 17.43 -24.85
C GLY B 350 16.27 18.00 -24.08
N PHE B 351 16.42 17.58 -22.82
CA PHE B 351 17.61 17.94 -22.01
C PHE B 351 17.87 16.91 -20.94
N ILE B 352 19.08 16.92 -20.43
CA ILE B 352 19.44 16.15 -19.21
C ILE B 352 19.85 17.11 -18.11
N ALA B 353 19.17 16.98 -16.96
CA ALA B 353 19.44 17.79 -15.79
C ALA B 353 20.78 17.35 -15.17
N PRO B 354 21.57 18.31 -14.66
CA PRO B 354 22.87 17.97 -14.08
C PRO B 354 22.74 17.23 -12.74
N SER B 355 23.72 16.39 -12.46
CA SER B 355 23.95 15.78 -11.15
C SER B 355 24.87 16.79 -10.43
N ILE B 356 24.29 17.57 -9.53
CA ILE B 356 25.04 18.68 -8.89
C ILE B 356 25.84 18.26 -7.68
N ASN B 357 26.68 19.20 -7.21
CA ASN B 357 27.50 19.07 -5.99
C ASN B 357 28.58 17.98 -6.01
N ILE B 358 29.05 17.57 -7.19
CA ILE B 358 30.12 16.61 -7.26
C ILE B 358 31.45 17.36 -7.35
N ASP B 359 32.15 17.50 -6.22
CA ASP B 359 33.51 18.08 -6.20
C ASP B 359 34.59 17.05 -6.43
N THR B 360 34.38 15.84 -5.95
CA THR B 360 35.28 14.72 -6.17
C THR B 360 34.43 13.51 -6.47
N LEU B 361 34.55 12.99 -7.69
CA LEU B 361 33.72 11.92 -8.16
C LEU B 361 34.21 10.60 -7.55
N ASP B 362 33.31 9.82 -7.02
CA ASP B 362 33.65 8.51 -6.42
C ASP B 362 34.30 7.59 -7.45
N GLU B 363 35.26 6.76 -7.03
CA GLU B 363 35.97 5.83 -7.92
C GLU B 363 35.02 4.77 -8.54
N ALA B 364 33.91 4.46 -7.89
CA ALA B 364 32.90 3.57 -8.50
C ALA B 364 32.24 4.14 -9.79
N ALA B 365 32.28 5.46 -9.99
CA ALA B 365 31.70 6.05 -11.19
C ALA B 365 32.68 6.12 -12.36
N GLN B 366 33.92 5.66 -12.21
CA GLN B 366 34.87 5.82 -13.32
C GLN B 366 34.41 5.01 -14.54
N GLY B 367 34.43 5.61 -15.73
CA GLY B 367 33.92 4.96 -16.94
C GLY B 367 32.41 4.87 -17.07
N LEU B 368 31.71 5.69 -16.29
CA LEU B 368 30.29 5.97 -16.51
C LEU B 368 30.16 7.43 -16.88
N ASP B 369 29.09 7.76 -17.59
CA ASP B 369 28.85 9.12 -18.05
C ASP B 369 27.91 9.79 -17.04
N ILE B 370 28.49 10.30 -15.96
CA ILE B 370 27.76 11.10 -14.98
C ILE B 370 27.64 12.53 -15.51
N VAL B 371 26.40 12.99 -15.70
CA VAL B 371 26.18 14.30 -16.31
C VAL B 371 26.27 15.36 -15.22
N THR B 372 27.22 16.29 -15.33
CA THR B 372 27.35 17.35 -14.31
C THR B 372 27.05 18.75 -14.81
N GLU B 373 26.74 18.92 -16.08
CA GLU B 373 26.25 20.20 -16.61
C GLU B 373 25.03 19.93 -17.46
N LEU B 374 24.11 20.89 -17.49
CA LEU B 374 22.91 20.80 -18.34
C LEU B 374 23.35 20.39 -19.76
N ARG B 375 22.66 19.41 -20.33
CA ARG B 375 23.02 18.87 -21.63
C ARG B 375 21.76 18.92 -22.46
N GLU B 376 21.79 19.63 -23.57
CA GLU B 376 20.58 19.79 -24.36
C GLU B 376 20.68 18.84 -25.52
N GLN B 377 19.73 17.92 -25.62
CA GLN B 377 19.72 16.97 -26.71
C GLN B 377 18.42 16.20 -26.76
N GLU B 378 18.13 15.67 -27.94
CA GLU B 378 17.00 14.77 -28.13
C GLU B 378 17.20 13.50 -27.37
N LEU B 379 16.19 13.07 -26.65
CA LEU B 379 16.21 11.79 -25.99
C LEU B 379 15.07 11.01 -26.58
N THR B 380 15.24 9.71 -26.72
CA THR B 380 14.15 8.86 -27.19
C THR B 380 13.56 7.99 -26.06
N THR B 381 14.44 7.48 -25.20
CA THR B 381 14.09 6.57 -24.10
C THR B 381 14.82 6.95 -22.80
N VAL B 382 14.06 7.07 -21.70
CA VAL B 382 14.59 7.30 -20.38
C VAL B 382 14.16 6.21 -19.38
N MET B 383 14.97 6.04 -18.34
CA MET B 383 14.78 5.04 -17.28
C MET B 383 14.93 5.74 -15.92
N SER B 384 14.04 5.38 -14.99
CA SER B 384 14.09 5.91 -13.65
C SER B 384 14.02 4.77 -12.66
N ASN B 385 14.99 4.72 -11.74
CA ASN B 385 15.11 3.67 -10.72
C ASN B 385 14.68 4.15 -9.34
N SER B 386 13.96 3.30 -8.63
CA SER B 386 13.59 3.56 -7.22
C SER B 386 13.79 2.28 -6.40
N PHE B 387 14.60 2.34 -5.37
CA PHE B 387 14.92 1.18 -4.54
C PHE B 387 14.57 1.53 -3.10
N GLY B 388 13.81 0.70 -2.41
CA GLY B 388 13.38 0.98 -1.04
C GLY B 388 13.88 0.01 0.00
N PHE B 389 13.79 0.43 1.27
CA PHE B 389 14.02 -0.47 2.37
C PHE B 389 13.15 -1.70 2.18
N GLY B 390 13.61 -2.79 2.73
CA GLY B 390 13.05 -4.11 2.52
C GLY B 390 13.50 -4.76 1.24
N GLY B 391 14.52 -4.20 0.57
CA GLY B 391 15.01 -4.73 -0.70
C GLY B 391 14.06 -4.65 -1.88
N THR B 392 13.17 -3.66 -1.91
CA THR B 392 12.19 -3.59 -2.95
C THR B 392 12.64 -2.64 -4.07
N ASN B 393 12.50 -3.08 -5.33
CA ASN B 393 13.00 -2.35 -6.50
C ASN B 393 11.88 -2.10 -7.50
N ALA B 394 11.84 -0.88 -8.05
CA ALA B 394 10.98 -0.53 -9.16
C ALA B 394 11.78 0.23 -10.17
N THR B 395 11.57 -0.08 -11.44
CA THR B 395 12.14 0.71 -12.54
C THR B 395 11.02 1.02 -13.54
N LEU B 396 11.00 2.25 -14.07
CA LEU B 396 10.12 2.62 -15.14
C LEU B 396 10.94 3.04 -16.35
N VAL B 397 10.48 2.66 -17.53
CA VAL B 397 11.08 3.09 -18.80
C VAL B 397 10.03 3.77 -19.65
N ILE B 398 10.34 4.99 -20.07
CA ILE B 398 9.43 5.89 -20.80
C ILE B 398 10.07 6.25 -22.14
N LYS B 399 9.32 6.09 -23.20
CA LYS B 399 9.80 6.32 -24.55
C LYS B 399 8.93 7.40 -25.20
N LYS B 400 9.55 8.25 -26.01
CA LYS B 400 8.82 9.26 -26.80
C LYS B 400 7.76 8.64 -27.69
N TYR B 401 6.58 9.25 -27.74
CA TYR B 401 5.54 8.84 -28.65
C TYR B 401 5.54 9.82 -29.86
N GLN B 402 5.85 9.32 -31.06
CA GLN B 402 5.92 10.19 -32.25
C GLN B 402 5.07 9.71 -33.43
N GLY B 403 3.88 9.18 -33.12
CA GLY B 403 2.91 8.72 -34.11
C GLY B 403 2.97 7.25 -34.55
N LEU B 404 3.90 6.48 -33.99
CA LEU B 404 3.98 5.03 -34.24
C LEU B 404 3.79 4.25 -32.94
#